data_1ITQ
#
_entry.id   1ITQ
#
_cell.length_a   81.948
_cell.length_b   81.213
_cell.length_c   57.164
_cell.angle_alpha   90.00
_cell.angle_beta   96.73
_cell.angle_gamma   90.00
#
_symmetry.space_group_name_H-M   'P 1 21 1'
#
loop_
_entity.id
_entity.type
_entity.pdbx_description
1 polymer 'RENAL DIPEPTIDASE'
2 non-polymer 2-acetamido-2-deoxy-beta-D-glucopyranose
3 non-polymer 'ZINC ION'
4 water water
#
_entity_poly.entity_id   1
_entity_poly.type   'polypeptide(L)'
_entity_poly.pdbx_seq_one_letter_code
;DFFRDEAERIMRDSPVIDGHNDLPWQLLDMFNNRLQDERANLTTLAGTHTNIPKLRAGFVGGQFWSVYTPCDTQNKDAVR
RTLEQMDVVHRMCRMYPETFLYVTSSAGIRQAFREGKVASLIGVEGGHSIDSSLGVLRALYQLGMRYLTLTHSCNTPWAD
NWLVDTGDSEPQSQGLSPFGQRVVKELNRLGVLIDLAHVSVATMKATLQLSRAPVIFSHSSAYSVCASRRNVPDDVLRLV
KQTDSLVMVNFYNNYISCTNKANLSQVADHLDHIKEVAGARAVGFGGDFDGVPRVPEGLEDVSKYPDLIAELLRRNWTEA
EVKGALADNLLRVFEAVEQASNLTQAPEEEPIPLDQLGGSCRTHYGYSS
;
_entity_poly.pdbx_strand_id   A,B
#
# COMPACT_ATOMS: atom_id res chain seq x y z
N ASP A 1 -26.29 30.46 27.02
CA ASP A 1 -27.18 29.32 27.40
C ASP A 1 -26.42 28.32 28.27
N PHE A 2 -27.04 27.92 29.37
CA PHE A 2 -26.43 26.98 30.30
C PHE A 2 -26.01 25.67 29.63
N PHE A 3 -26.89 25.10 28.81
CA PHE A 3 -26.59 23.84 28.15
C PHE A 3 -25.44 23.91 27.14
N ARG A 4 -25.36 25.01 26.40
CA ARG A 4 -24.28 25.19 25.44
C ARG A 4 -22.98 25.34 26.22
N ASP A 5 -23.05 26.01 27.37
CA ASP A 5 -21.86 26.21 28.19
C ASP A 5 -21.42 24.87 28.77
N GLU A 6 -22.39 24.02 29.11
CA GLU A 6 -22.10 22.69 29.65
C GLU A 6 -21.51 21.78 28.57
N ALA A 7 -22.01 21.92 27.35
CA ALA A 7 -21.55 21.14 26.21
C ALA A 7 -20.06 21.37 26.05
N GLU A 8 -19.67 22.64 26.01
CA GLU A 8 -18.27 23.02 25.87
C GLU A 8 -17.42 22.55 27.03
N ARG A 9 -17.98 22.54 28.23
CA ARG A 9 -17.22 22.08 29.38
C ARG A 9 -16.83 20.62 29.22
N ILE A 10 -17.81 19.77 28.92
CA ILE A 10 -17.59 18.34 28.73
C ILE A 10 -16.67 18.08 27.53
N MET A 11 -16.93 18.76 26.42
CA MET A 11 -16.15 18.60 25.19
C MET A 11 -14.65 18.95 25.26
N ARG A 12 -14.26 19.78 26.23
CA ARG A 12 -12.86 20.13 26.39
C ARG A 12 -12.12 18.93 26.95
N ASP A 13 -12.87 18.06 27.61
CA ASP A 13 -12.32 16.85 28.22
C ASP A 13 -12.61 15.60 27.38
N SER A 14 -13.74 15.61 26.68
CA SER A 14 -14.13 14.49 25.83
C SER A 14 -14.53 15.04 24.48
N PRO A 15 -13.54 15.36 23.65
CA PRO A 15 -13.80 15.90 22.31
C PRO A 15 -14.59 14.89 21.52
N VAL A 16 -15.22 15.32 20.44
CA VAL A 16 -16.00 14.40 19.63
C VAL A 16 -15.11 13.61 18.65
N ILE A 17 -15.28 12.30 18.65
CA ILE A 17 -14.57 11.44 17.71
C ILE A 17 -15.61 11.08 16.65
N ASP A 18 -15.52 11.69 15.48
CA ASP A 18 -16.47 11.43 14.43
C ASP A 18 -16.02 10.19 13.66
N GLY A 19 -16.98 9.43 13.14
CA GLY A 19 -16.66 8.21 12.43
C GLY A 19 -16.61 8.25 10.93
N HIS A 20 -17.00 9.35 10.32
CA HIS A 20 -16.94 9.43 8.86
C HIS A 20 -17.01 10.83 8.24
N ASN A 21 -15.88 11.32 7.75
CA ASN A 21 -15.81 12.63 7.08
C ASN A 21 -15.17 12.47 5.71
N ASP A 22 -15.88 12.93 4.69
CA ASP A 22 -15.41 12.81 3.32
C ASP A 22 -14.66 13.99 2.74
N LEU A 23 -13.85 14.65 3.56
CA LEU A 23 -13.06 15.77 3.06
C LEU A 23 -12.06 15.29 1.99
N PRO A 24 -11.41 14.11 2.18
CA PRO A 24 -10.44 13.66 1.15
C PRO A 24 -11.07 13.59 -0.23
N TRP A 25 -12.36 13.30 -0.30
CA TRP A 25 -13.05 13.25 -1.58
C TRP A 25 -13.12 14.66 -2.18
N GLN A 26 -13.32 15.65 -1.31
CA GLN A 26 -13.41 17.05 -1.72
C GLN A 26 -12.06 17.52 -2.23
N LEU A 27 -11.01 17.16 -1.50
CA LEU A 27 -9.66 17.52 -1.88
C LEU A 27 -9.28 16.98 -3.27
N LEU A 28 -9.83 15.82 -3.65
CA LEU A 28 -9.57 15.21 -4.96
C LEU A 28 -10.42 15.84 -6.04
N ASP A 29 -11.71 15.88 -5.80
CA ASP A 29 -12.63 16.43 -6.77
C ASP A 29 -12.40 17.92 -7.01
N MET A 30 -12.01 18.64 -5.96
CA MET A 30 -11.75 20.07 -6.07
C MET A 30 -10.34 20.46 -6.52
N PHE A 31 -9.31 19.83 -5.96
CA PHE A 31 -7.93 20.18 -6.29
C PHE A 31 -7.06 19.06 -6.87
N ASN A 32 -7.67 17.92 -7.20
CA ASN A 32 -6.95 16.76 -7.71
C ASN A 32 -5.80 16.43 -6.74
N ASN A 33 -6.12 16.51 -5.46
CA ASN A 33 -5.19 16.23 -4.37
C ASN A 33 -3.94 17.09 -4.30
N ARG A 34 -3.95 18.23 -5.01
CA ARG A 34 -2.83 19.15 -4.99
C ARG A 34 -2.95 20.09 -3.77
N LEU A 35 -2.43 19.64 -2.64
CA LEU A 35 -2.48 20.37 -1.38
C LEU A 35 -1.70 21.68 -1.30
N GLN A 36 -0.78 21.91 -2.23
CA GLN A 36 0.01 23.14 -2.23
C GLN A 36 -0.69 24.25 -2.99
N ASP A 37 -1.81 23.90 -3.62
CA ASP A 37 -2.64 24.86 -4.34
C ASP A 37 -3.16 25.80 -3.26
N GLU A 38 -3.14 27.10 -3.54
CA GLU A 38 -3.58 28.10 -2.57
C GLU A 38 -5.04 28.00 -2.10
N ARG A 39 -5.95 27.70 -3.02
CA ARG A 39 -7.37 27.55 -2.68
C ARG A 39 -7.58 26.33 -1.77
N ALA A 40 -6.54 25.50 -1.65
CA ALA A 40 -6.59 24.28 -0.86
C ALA A 40 -6.01 24.39 0.54
N ASN A 41 -5.69 25.61 0.96
CA ASN A 41 -5.16 25.76 2.31
C ASN A 41 -6.31 25.41 3.26
N LEU A 42 -6.09 24.44 4.15
CA LEU A 42 -7.14 24.01 5.08
C LEU A 42 -7.47 24.97 6.20
N THR A 43 -6.55 25.89 6.51
CA THR A 43 -6.80 26.86 7.56
C THR A 43 -7.77 27.93 7.06
N THR A 44 -7.91 28.02 5.74
CA THR A 44 -8.78 29.01 5.11
C THR A 44 -9.79 28.41 4.12
N LEU A 45 -9.76 27.08 3.93
CA LEU A 45 -10.66 26.40 3.01
C LEU A 45 -12.14 26.74 3.20
N ALA A 46 -12.79 27.08 2.08
CA ALA A 46 -14.20 27.42 2.10
C ALA A 46 -14.97 26.63 1.04
N GLY A 47 -16.27 26.46 1.26
CA GLY A 47 -17.08 25.70 0.33
C GLY A 47 -17.27 24.28 0.80
N THR A 48 -16.61 23.93 1.90
CA THR A 48 -16.69 22.59 2.48
C THR A 48 -17.25 22.71 3.90
N HIS A 49 -17.75 21.61 4.45
CA HIS A 49 -18.27 21.62 5.81
C HIS A 49 -17.11 21.58 6.79
N THR A 50 -15.94 21.20 6.28
CA THR A 50 -14.77 21.06 7.11
C THR A 50 -13.56 21.91 6.73
N ASN A 51 -12.83 22.32 7.75
CA ASN A 51 -11.58 23.05 7.61
C ASN A 51 -11.05 23.14 9.02
N ILE A 52 -9.79 23.52 9.17
CA ILE A 52 -9.19 23.55 10.50
C ILE A 52 -9.89 24.40 11.58
N PRO A 53 -10.20 25.67 11.28
CA PRO A 53 -10.87 26.46 12.32
C PRO A 53 -12.26 25.93 12.72
N LYS A 54 -12.98 25.33 11.78
CA LYS A 54 -14.29 24.77 12.08
C LYS A 54 -14.13 23.53 12.97
N LEU A 55 -13.09 22.73 12.72
CA LEU A 55 -12.84 21.53 13.51
C LEU A 55 -12.52 21.95 14.93
N ARG A 56 -11.71 22.98 15.07
CA ARG A 56 -11.36 23.47 16.40
C ARG A 56 -12.56 24.08 17.13
N ALA A 57 -13.36 24.85 16.40
CA ALA A 57 -14.54 25.49 16.96
C ALA A 57 -15.58 24.45 17.39
N GLY A 58 -15.66 23.34 16.66
CA GLY A 58 -16.62 22.31 16.98
C GLY A 58 -16.14 21.31 18.02
N PHE A 59 -14.97 21.55 18.58
CA PHE A 59 -14.39 20.67 19.59
C PHE A 59 -14.12 19.23 19.12
N VAL A 60 -13.80 19.07 17.83
CA VAL A 60 -13.48 17.77 17.22
C VAL A 60 -12.03 17.41 17.53
N GLY A 61 -11.82 16.32 18.27
CA GLY A 61 -10.48 15.91 18.62
C GLY A 61 -10.08 14.55 18.05
N GLY A 62 -10.89 14.02 17.16
CA GLY A 62 -10.61 12.73 16.56
C GLY A 62 -11.48 12.56 15.35
N GLN A 63 -10.90 12.11 14.24
CA GLN A 63 -11.67 11.94 13.01
C GLN A 63 -11.22 10.79 12.15
N PHE A 64 -12.18 9.96 11.75
CA PHE A 64 -11.91 8.86 10.85
C PHE A 64 -12.12 9.44 9.47
N TRP A 65 -11.01 9.82 8.82
CA TRP A 65 -11.04 10.39 7.48
C TRP A 65 -11.35 9.29 6.50
N SER A 66 -12.40 9.50 5.76
CA SER A 66 -12.85 8.54 4.78
C SER A 66 -12.03 8.51 3.50
N VAL A 67 -11.43 7.34 3.24
CA VAL A 67 -10.66 7.11 2.02
C VAL A 67 -11.69 6.46 1.14
N TYR A 68 -12.25 7.26 0.25
CA TYR A 68 -13.32 6.82 -0.60
C TYR A 68 -13.07 6.97 -2.09
N THR A 69 -13.47 5.93 -2.83
CA THR A 69 -13.38 5.90 -4.28
C THR A 69 -14.74 5.34 -4.72
N PRO A 70 -15.45 6.06 -5.60
CA PRO A 70 -16.78 5.67 -6.10
C PRO A 70 -16.90 4.22 -6.50
N CYS A 71 -18.14 3.76 -6.63
CA CYS A 71 -18.43 2.38 -7.01
C CYS A 71 -18.04 2.03 -8.44
N ASP A 72 -18.04 3.02 -9.33
CA ASP A 72 -17.68 2.77 -10.71
C ASP A 72 -16.17 2.58 -10.91
N THR A 73 -15.42 2.60 -9.82
CA THR A 73 -13.99 2.38 -9.90
C THR A 73 -13.70 0.91 -9.53
N GLN A 74 -14.75 0.15 -9.21
CA GLN A 74 -14.61 -1.26 -8.88
C GLN A 74 -14.34 -2.00 -10.17
N ASN A 75 -13.33 -2.88 -10.16
CA ASN A 75 -12.93 -3.64 -11.34
C ASN A 75 -12.31 -2.69 -12.37
N LYS A 76 -11.82 -1.54 -11.88
CA LYS A 76 -11.18 -0.55 -12.73
C LYS A 76 -9.94 -0.04 -12.03
N ASP A 77 -10.01 1.16 -11.47
CA ASP A 77 -8.89 1.75 -10.76
C ASP A 77 -9.14 1.97 -9.28
N ALA A 78 -10.01 1.14 -8.71
CA ALA A 78 -10.36 1.25 -7.29
C ALA A 78 -9.15 1.19 -6.36
N VAL A 79 -8.24 0.26 -6.62
CA VAL A 79 -7.05 0.07 -5.78
C VAL A 79 -6.08 1.23 -5.86
N ARG A 80 -5.84 1.71 -7.07
CA ARG A 80 -4.95 2.85 -7.29
C ARG A 80 -5.51 4.09 -6.57
N ARG A 81 -6.78 4.40 -6.86
CA ARG A 81 -7.41 5.57 -6.25
C ARG A 81 -7.46 5.47 -4.74
N THR A 82 -7.68 4.27 -4.21
CA THR A 82 -7.70 4.08 -2.77
C THR A 82 -6.35 4.48 -2.19
N LEU A 83 -5.27 4.06 -2.85
CA LEU A 83 -3.92 4.40 -2.38
C LEU A 83 -3.66 5.91 -2.46
N GLU A 84 -4.21 6.54 -3.48
CA GLU A 84 -4.07 7.99 -3.65
C GLU A 84 -4.80 8.71 -2.53
N GLN A 85 -6.02 8.25 -2.23
CA GLN A 85 -6.82 8.85 -1.17
C GLN A 85 -6.18 8.62 0.19
N MET A 86 -5.44 7.53 0.33
CA MET A 86 -4.76 7.26 1.61
C MET A 86 -3.52 8.14 1.70
N ASP A 87 -2.97 8.50 0.53
CA ASP A 87 -1.78 9.36 0.45
C ASP A 87 -2.11 10.81 0.87
N VAL A 88 -3.21 11.35 0.33
CA VAL A 88 -3.62 12.72 0.66
C VAL A 88 -3.86 12.95 2.14
N VAL A 89 -4.33 11.92 2.84
CA VAL A 89 -4.57 12.00 4.29
C VAL A 89 -3.24 11.97 5.01
N HIS A 90 -2.32 11.14 4.52
CA HIS A 90 -0.98 11.04 5.10
C HIS A 90 -0.30 12.39 4.96
N ARG A 91 -0.48 13.00 3.79
CA ARG A 91 0.13 14.30 3.47
C ARG A 91 -0.50 15.45 4.23
N MET A 92 -1.82 15.40 4.36
CA MET A 92 -2.59 16.41 5.07
C MET A 92 -2.07 16.51 6.51
N CYS A 93 -1.78 15.38 7.13
CA CYS A 93 -1.28 15.34 8.50
C CYS A 93 0.16 15.82 8.69
N ARG A 94 0.91 15.83 7.58
CA ARG A 94 2.30 16.27 7.58
C ARG A 94 2.40 17.76 7.27
N MET A 95 1.49 18.23 6.43
CA MET A 95 1.44 19.64 6.05
C MET A 95 0.89 20.49 7.21
N TYR A 96 -0.01 19.90 8.01
CA TYR A 96 -0.62 20.59 9.15
C TYR A 96 -0.39 19.82 10.44
N PRO A 97 0.87 19.59 10.80
CA PRO A 97 1.23 18.85 12.02
C PRO A 97 0.84 19.55 13.32
N GLU A 98 0.54 20.83 13.23
CA GLU A 98 0.14 21.57 14.42
C GLU A 98 -1.33 21.29 14.73
N THR A 99 -2.05 20.79 13.72
CA THR A 99 -3.46 20.47 13.84
C THR A 99 -3.70 18.96 13.93
N PHE A 100 -3.37 18.26 12.86
CA PHE A 100 -3.57 16.81 12.77
C PHE A 100 -2.45 15.95 13.32
N LEU A 101 -2.84 14.86 13.95
CA LEU A 101 -1.92 13.87 14.50
C LEU A 101 -2.41 12.54 13.94
N TYR A 102 -1.70 12.03 12.93
CA TYR A 102 -2.01 10.76 12.27
C TYR A 102 -1.79 9.62 13.26
N VAL A 103 -2.83 8.81 13.46
CA VAL A 103 -2.77 7.68 14.38
C VAL A 103 -3.40 6.43 13.79
N THR A 104 -3.12 5.29 14.40
CA THR A 104 -3.65 4.02 13.90
C THR A 104 -4.02 3.11 15.08
N SER A 105 -4.06 3.70 16.27
CA SER A 105 -4.35 2.96 17.49
C SER A 105 -5.34 3.71 18.39
N SER A 106 -5.98 2.97 19.31
CA SER A 106 -6.91 3.56 20.25
C SER A 106 -6.06 4.44 21.16
N ALA A 107 -4.85 3.98 21.45
CA ALA A 107 -3.91 4.69 22.30
C ALA A 107 -3.44 5.97 21.60
N GLY A 108 -3.39 5.93 20.27
CA GLY A 108 -2.97 7.09 19.52
C GLY A 108 -3.99 8.22 19.64
N ILE A 109 -5.28 7.84 19.62
CA ILE A 109 -6.36 8.82 19.73
C ILE A 109 -6.26 9.53 21.07
N ARG A 110 -6.04 8.77 22.13
CA ARG A 110 -5.92 9.33 23.47
C ARG A 110 -4.72 10.25 23.56
N GLN A 111 -3.70 9.97 22.75
CA GLN A 111 -2.49 10.78 22.71
C GLN A 111 -2.78 12.12 22.03
N ALA A 112 -3.55 12.07 20.94
CA ALA A 112 -3.91 13.27 20.21
C ALA A 112 -4.67 14.21 21.13
N PHE A 113 -5.59 13.63 21.90
CA PHE A 113 -6.41 14.36 22.87
C PHE A 113 -5.49 15.09 23.83
N ARG A 114 -4.54 14.35 24.39
CA ARG A 114 -3.56 14.89 25.33
C ARG A 114 -2.77 16.06 24.75
N GLU A 115 -2.47 15.99 23.45
CA GLU A 115 -1.69 17.02 22.78
C GLU A 115 -2.50 18.14 22.13
N GLY A 116 -3.82 18.08 22.27
CA GLY A 116 -4.67 19.09 21.68
C GLY A 116 -4.72 19.02 20.17
N LYS A 117 -4.47 17.82 19.65
CA LYS A 117 -4.48 17.64 18.22
C LYS A 117 -5.63 16.75 17.78
N VAL A 118 -6.10 16.97 16.57
CA VAL A 118 -7.19 16.22 15.96
C VAL A 118 -6.63 14.87 15.52
N ALA A 119 -6.99 13.82 16.25
CA ALA A 119 -6.55 12.46 15.92
C ALA A 119 -7.06 12.15 14.53
N SER A 120 -6.17 11.77 13.62
CA SER A 120 -6.57 11.46 12.25
C SER A 120 -6.32 10.00 11.90
N LEU A 121 -7.40 9.29 11.60
CA LEU A 121 -7.31 7.88 11.26
C LEU A 121 -7.88 7.73 9.88
N ILE A 122 -7.70 6.54 9.31
CA ILE A 122 -8.20 6.26 7.98
C ILE A 122 -9.30 5.20 8.01
N GLY A 123 -10.38 5.47 7.28
CA GLY A 123 -11.48 4.54 7.17
C GLY A 123 -11.71 4.31 5.70
N VAL A 124 -11.52 3.07 5.25
CA VAL A 124 -11.71 2.75 3.85
C VAL A 124 -13.17 2.39 3.57
N GLU A 125 -13.84 3.26 2.84
CA GLU A 125 -15.24 3.04 2.54
C GLU A 125 -15.59 2.29 1.27
N GLY A 126 -15.77 0.99 1.40
CA GLY A 126 -16.10 0.15 0.26
C GLY A 126 -15.16 -1.03 0.12
N GLY A 127 -15.73 -2.23 0.04
CA GLY A 127 -14.92 -3.43 -0.09
C GLY A 127 -14.26 -3.54 -1.45
N HIS A 128 -14.78 -2.82 -2.44
CA HIS A 128 -14.21 -2.84 -3.79
C HIS A 128 -12.80 -2.27 -3.85
N SER A 129 -12.37 -1.64 -2.75
CA SER A 129 -11.04 -1.06 -2.64
C SER A 129 -9.97 -2.13 -2.53
N ILE A 130 -10.34 -3.31 -2.02
CA ILE A 130 -9.36 -4.38 -1.90
C ILE A 130 -9.37 -5.29 -3.12
N ASP A 131 -10.35 -5.08 -3.99
CA ASP A 131 -10.54 -5.87 -5.21
C ASP A 131 -10.41 -7.38 -4.93
N SER A 132 -11.18 -7.85 -3.96
CA SER A 132 -11.21 -9.27 -3.55
C SER A 132 -9.85 -9.88 -3.31
N SER A 133 -8.97 -9.12 -2.67
CA SER A 133 -7.64 -9.59 -2.37
C SER A 133 -7.30 -9.42 -0.91
N LEU A 134 -6.90 -10.53 -0.29
CA LEU A 134 -6.52 -10.56 1.11
C LEU A 134 -5.20 -9.86 1.28
N GLY A 135 -4.39 -9.86 0.21
CA GLY A 135 -3.09 -9.22 0.21
C GLY A 135 -3.19 -7.71 0.11
N VAL A 136 -4.16 -7.22 -0.67
CA VAL A 136 -4.38 -5.78 -0.78
C VAL A 136 -4.90 -5.33 0.60
N LEU A 137 -5.79 -6.14 1.18
CA LEU A 137 -6.35 -5.85 2.50
C LEU A 137 -5.25 -5.67 3.53
N ARG A 138 -4.27 -6.57 3.52
CA ARG A 138 -3.14 -6.48 4.45
C ARG A 138 -2.24 -5.29 4.11
N ALA A 139 -2.24 -4.90 2.84
CA ALA A 139 -1.44 -3.75 2.41
C ALA A 139 -2.10 -2.47 2.93
N LEU A 140 -3.42 -2.38 2.77
CA LEU A 140 -4.17 -1.21 3.25
C LEU A 140 -4.02 -1.07 4.75
N TYR A 141 -4.02 -2.19 5.45
CA TYR A 141 -3.87 -2.18 6.88
C TYR A 141 -2.54 -1.57 7.24
N GLN A 142 -1.52 -1.91 6.46
CA GLN A 142 -0.18 -1.37 6.71
C GLN A 142 -0.09 0.11 6.35
N LEU A 143 -0.95 0.54 5.41
CA LEU A 143 -1.00 1.93 5.00
C LEU A 143 -1.86 2.76 5.95
N GLY A 144 -2.36 2.14 7.03
CA GLY A 144 -3.15 2.85 8.02
C GLY A 144 -4.63 2.55 8.14
N MET A 145 -5.19 1.76 7.25
CA MET A 145 -6.62 1.43 7.32
C MET A 145 -7.00 0.84 8.68
N ARG A 146 -7.97 1.46 9.34
CA ARG A 146 -8.44 1.01 10.66
C ARG A 146 -9.92 0.62 10.72
N TYR A 147 -10.59 0.78 9.59
CA TYR A 147 -11.98 0.34 9.46
C TYR A 147 -12.24 0.19 7.99
N LEU A 148 -12.99 -0.84 7.64
CA LEU A 148 -13.33 -1.10 6.26
C LEU A 148 -14.84 -1.22 6.18
N THR A 149 -15.44 -0.34 5.40
CA THR A 149 -16.87 -0.39 5.20
C THR A 149 -16.98 -1.51 4.17
N LEU A 150 -17.41 -2.69 4.61
CA LEU A 150 -17.51 -3.87 3.72
C LEU A 150 -17.96 -3.55 2.32
N THR A 151 -18.93 -2.65 2.19
CA THR A 151 -19.38 -2.24 0.87
C THR A 151 -19.76 -0.77 0.89
N HIS A 152 -20.06 -0.27 -0.29
CA HIS A 152 -20.52 1.09 -0.43
C HIS A 152 -21.88 0.92 -1.08
N SER A 153 -22.21 1.74 -2.06
CA SER A 153 -23.51 1.61 -2.70
C SER A 153 -23.48 0.64 -3.87
N CYS A 154 -22.79 -0.49 -3.66
CA CYS A 154 -22.67 -1.54 -4.67
C CYS A 154 -22.16 -2.85 -4.09
N ASN A 155 -22.64 -3.96 -4.65
CA ASN A 155 -22.23 -5.29 -4.22
C ASN A 155 -20.79 -5.57 -4.61
N THR A 156 -20.10 -6.33 -3.78
CA THR A 156 -18.75 -6.77 -4.11
C THR A 156 -19.00 -8.27 -4.37
N PRO A 157 -17.99 -9.01 -4.87
CA PRO A 157 -18.24 -10.43 -5.12
C PRO A 157 -18.49 -11.26 -3.85
N TRP A 158 -18.31 -10.63 -2.69
CA TRP A 158 -18.46 -11.33 -1.42
C TRP A 158 -19.31 -10.65 -0.34
N ALA A 159 -20.03 -9.58 -0.69
CA ALA A 159 -20.89 -8.85 0.26
C ALA A 159 -21.90 -7.97 -0.47
N ASP A 160 -23.14 -8.00 0.00
CA ASP A 160 -24.24 -7.24 -0.60
C ASP A 160 -24.41 -5.87 0.04
N ASN A 161 -24.80 -4.88 -0.76
CA ASN A 161 -24.99 -3.53 -0.23
C ASN A 161 -26.45 -3.22 0.09
N TRP A 162 -26.69 -2.09 0.74
CA TRP A 162 -28.02 -1.68 1.15
C TRP A 162 -29.05 -1.59 0.03
N LEU A 163 -28.60 -1.29 -1.20
CA LEU A 163 -29.52 -1.18 -2.32
C LEU A 163 -30.22 -2.49 -2.63
N VAL A 164 -29.80 -3.57 -1.97
CA VAL A 164 -30.43 -4.86 -2.15
C VAL A 164 -31.78 -4.82 -1.45
N ASP A 165 -31.81 -4.13 -0.32
CA ASP A 165 -33.02 -3.98 0.50
C ASP A 165 -34.03 -2.96 -0.02
N THR A 166 -33.65 -2.24 -1.07
CA THR A 166 -34.55 -1.26 -1.69
C THR A 166 -35.02 -1.85 -3.02
N GLY A 167 -34.40 -2.96 -3.41
CA GLY A 167 -34.75 -3.64 -4.66
C GLY A 167 -33.92 -3.27 -5.87
N ASP A 168 -33.13 -2.19 -5.77
CA ASP A 168 -32.30 -1.73 -6.88
C ASP A 168 -31.17 -2.69 -7.26
N SER A 169 -30.51 -3.24 -6.25
CA SER A 169 -29.43 -4.19 -6.47
C SER A 169 -29.95 -5.58 -6.17
N GLU A 170 -29.52 -6.56 -6.96
CA GLU A 170 -29.94 -7.92 -6.73
C GLU A 170 -29.01 -8.57 -5.71
N PRO A 171 -29.56 -9.38 -4.79
CA PRO A 171 -28.75 -10.05 -3.76
C PRO A 171 -27.79 -11.01 -4.44
N GLN A 172 -26.51 -10.84 -4.16
CA GLN A 172 -25.50 -11.69 -4.79
C GLN A 172 -24.98 -12.73 -3.80
N SER A 173 -24.51 -12.26 -2.65
CA SER A 173 -23.98 -13.17 -1.63
C SER A 173 -25.00 -13.50 -0.54
N GLN A 174 -26.08 -12.73 -0.49
CA GLN A 174 -27.13 -12.90 0.52
C GLN A 174 -26.44 -12.81 1.87
N GLY A 175 -25.63 -11.77 2.03
CA GLY A 175 -24.87 -11.60 3.25
C GLY A 175 -23.42 -11.71 2.87
N LEU A 176 -22.72 -12.67 3.46
CA LEU A 176 -21.30 -12.90 3.19
C LEU A 176 -21.08 -14.26 2.52
N SER A 177 -20.26 -14.26 1.47
CA SER A 177 -19.92 -15.49 0.76
C SER A 177 -18.84 -16.16 1.59
N PRO A 178 -18.45 -17.39 1.25
CA PRO A 178 -17.40 -18.02 2.05
C PRO A 178 -16.10 -17.18 2.07
N PHE A 179 -15.81 -16.49 0.96
CA PHE A 179 -14.62 -15.64 0.90
C PHE A 179 -14.83 -14.39 1.77
N GLY A 180 -16.07 -13.89 1.76
CA GLY A 180 -16.42 -12.74 2.57
C GLY A 180 -16.18 -13.08 4.02
N GLN A 181 -16.46 -14.33 4.38
CA GLN A 181 -16.27 -14.82 5.75
C GLN A 181 -14.80 -14.78 6.11
N ARG A 182 -13.94 -15.11 5.15
CA ARG A 182 -12.49 -15.10 5.36
C ARG A 182 -12.01 -13.65 5.47
N VAL A 183 -12.66 -12.75 4.73
CA VAL A 183 -12.32 -11.33 4.79
C VAL A 183 -12.62 -10.86 6.20
N VAL A 184 -13.81 -11.20 6.70
CA VAL A 184 -14.23 -10.82 8.05
C VAL A 184 -13.30 -11.43 9.07
N LYS A 185 -12.90 -12.68 8.83
CA LYS A 185 -11.99 -13.39 9.71
C LYS A 185 -10.60 -12.71 9.69
N GLU A 186 -10.18 -12.29 8.50
CA GLU A 186 -8.89 -11.58 8.37
C GLU A 186 -8.93 -10.21 9.07
N LEU A 187 -10.05 -9.49 8.91
CA LEU A 187 -10.22 -8.19 9.57
C LEU A 187 -10.13 -8.30 11.10
N ASN A 188 -10.70 -9.37 11.66
CA ASN A 188 -10.66 -9.60 13.10
C ASN A 188 -9.22 -9.90 13.51
N ARG A 189 -8.56 -10.78 12.75
CA ARG A 189 -7.18 -11.17 13.03
C ARG A 189 -6.26 -9.94 13.02
N LEU A 190 -6.44 -9.09 12.01
CA LEU A 190 -5.63 -7.87 11.87
C LEU A 190 -5.92 -6.82 12.93
N GLY A 191 -7.19 -6.71 13.32
CA GLY A 191 -7.54 -5.70 14.32
C GLY A 191 -8.09 -4.48 13.61
N VAL A 192 -8.85 -4.72 12.54
CA VAL A 192 -9.47 -3.65 11.77
C VAL A 192 -10.95 -3.63 12.15
N LEU A 193 -11.48 -2.43 12.42
CA LEU A 193 -12.89 -2.27 12.76
C LEU A 193 -13.73 -2.61 11.57
N ILE A 194 -14.75 -3.43 11.77
CA ILE A 194 -15.63 -3.78 10.67
C ILE A 194 -16.78 -2.78 10.64
N ASP A 195 -16.89 -2.04 9.55
CA ASP A 195 -17.92 -1.04 9.41
C ASP A 195 -19.09 -1.59 8.61
N LEU A 196 -20.28 -1.50 9.18
CA LEU A 196 -21.47 -2.01 8.52
C LEU A 196 -22.36 -0.99 7.85
N ALA A 197 -21.85 0.24 7.71
CA ALA A 197 -22.59 1.28 7.04
C ALA A 197 -22.64 0.87 5.57
N HIS A 198 -23.75 1.13 4.91
CA HIS A 198 -23.92 0.78 3.50
C HIS A 198 -24.23 -0.68 3.13
N VAL A 199 -24.12 -1.61 4.07
CA VAL A 199 -24.40 -3.02 3.76
C VAL A 199 -25.86 -3.40 3.88
N SER A 200 -26.25 -4.53 3.27
CA SER A 200 -27.62 -5.00 3.33
C SER A 200 -27.87 -5.56 4.73
N VAL A 201 -29.14 -5.74 5.08
CA VAL A 201 -29.50 -6.28 6.40
C VAL A 201 -28.96 -7.70 6.62
N ALA A 202 -28.98 -8.51 5.57
CA ALA A 202 -28.47 -9.87 5.63
C ALA A 202 -26.98 -9.86 5.96
N THR A 203 -26.26 -8.88 5.41
CA THR A 203 -24.82 -8.75 5.65
C THR A 203 -24.57 -8.26 7.07
N MET A 204 -25.42 -7.35 7.54
CA MET A 204 -25.29 -6.83 8.89
C MET A 204 -25.43 -8.01 9.85
N LYS A 205 -26.50 -8.77 9.66
CA LYS A 205 -26.77 -9.92 10.51
C LYS A 205 -25.69 -10.99 10.40
N ALA A 206 -25.29 -11.30 9.17
CA ALA A 206 -24.25 -12.31 8.93
C ALA A 206 -22.95 -11.92 9.63
N THR A 207 -22.56 -10.67 9.49
CA THR A 207 -21.32 -10.19 10.10
C THR A 207 -21.38 -10.07 11.61
N LEU A 208 -22.54 -9.67 12.15
CA LEU A 208 -22.71 -9.53 13.61
C LEU A 208 -22.60 -10.87 14.32
N GLN A 209 -23.08 -11.92 13.66
CA GLN A 209 -23.02 -13.29 14.20
C GLN A 209 -21.59 -13.82 14.06
N LEU A 210 -21.02 -13.60 12.88
CA LEU A 210 -19.68 -14.06 12.54
C LEU A 210 -18.51 -13.36 13.21
N SER A 211 -18.55 -12.02 13.25
CA SER A 211 -17.45 -11.27 13.83
C SER A 211 -17.15 -11.64 15.27
N ARG A 212 -15.88 -11.84 15.54
CA ARG A 212 -15.36 -12.19 16.85
C ARG A 212 -15.20 -10.94 17.71
N ALA A 213 -15.31 -9.78 17.09
CA ALA A 213 -15.16 -8.53 17.82
C ALA A 213 -16.32 -7.58 17.50
N PRO A 214 -16.52 -6.53 18.32
CA PRO A 214 -17.58 -5.54 18.13
C PRO A 214 -17.40 -4.86 16.80
N VAL A 215 -18.51 -4.64 16.11
CA VAL A 215 -18.47 -3.96 14.81
C VAL A 215 -18.98 -2.53 14.98
N ILE A 216 -19.09 -1.80 13.87
CA ILE A 216 -19.59 -0.43 13.91
C ILE A 216 -20.34 -0.11 12.64
N PHE A 217 -21.06 1.00 12.70
CA PHE A 217 -21.81 1.56 11.58
C PHE A 217 -21.25 2.98 11.72
N SER A 218 -20.25 3.30 10.90
CA SER A 218 -19.54 4.58 10.94
C SER A 218 -20.39 5.82 10.63
N HIS A 219 -21.46 5.62 9.87
CA HIS A 219 -22.36 6.70 9.53
C HIS A 219 -23.75 6.20 9.14
N SER A 220 -24.47 5.70 10.15
CA SER A 220 -25.82 5.16 9.96
C SER A 220 -26.76 5.63 11.08
N SER A 221 -28.00 5.93 10.72
CA SER A 221 -28.98 6.41 11.71
C SER A 221 -30.07 5.36 11.97
N ALA A 222 -31.12 5.74 12.72
CA ALA A 222 -32.21 4.84 13.07
C ALA A 222 -33.29 4.66 11.99
N TYR A 223 -33.57 3.41 11.66
CA TYR A 223 -34.59 3.07 10.66
C TYR A 223 -36.01 3.38 11.15
N SER A 224 -36.22 3.29 12.46
CA SER A 224 -37.53 3.58 13.03
C SER A 224 -37.91 5.05 12.93
N VAL A 225 -36.92 5.93 13.08
CA VAL A 225 -37.16 7.37 12.99
C VAL A 225 -37.24 7.81 11.53
N CYS A 226 -36.50 7.14 10.66
CA CYS A 226 -36.52 7.43 9.22
C CYS A 226 -36.24 6.11 8.49
N ALA A 227 -37.25 5.65 7.77
CA ALA A 227 -37.20 4.39 7.05
C ALA A 227 -36.31 4.30 5.82
N SER A 228 -35.03 4.63 6.01
CA SER A 228 -34.04 4.57 4.94
C SER A 228 -33.29 3.25 5.06
N ARG A 229 -33.03 2.59 3.94
CA ARG A 229 -32.31 1.32 3.98
C ARG A 229 -30.83 1.53 4.31
N ARG A 230 -30.46 2.80 4.46
CA ARG A 230 -29.13 3.20 4.85
C ARG A 230 -29.16 3.30 6.36
N ASN A 231 -30.33 3.04 6.95
CA ASN A 231 -30.48 3.11 8.38
C ASN A 231 -30.62 1.73 9.01
N VAL A 232 -30.29 1.66 10.30
CA VAL A 232 -30.29 0.43 11.05
C VAL A 232 -31.64 0.09 11.70
N PRO A 233 -32.25 -1.06 11.32
CA PRO A 233 -33.53 -1.49 11.88
C PRO A 233 -33.38 -1.96 13.33
N ASP A 234 -34.49 -1.99 14.08
CA ASP A 234 -34.49 -2.37 15.49
C ASP A 234 -33.99 -3.75 15.88
N ASP A 235 -34.27 -4.76 15.06
CA ASP A 235 -33.78 -6.10 15.37
C ASP A 235 -32.25 -6.17 15.28
N VAL A 236 -31.69 -5.36 14.39
CA VAL A 236 -30.24 -5.29 14.23
C VAL A 236 -29.68 -4.52 15.41
N LEU A 237 -30.38 -3.46 15.82
CA LEU A 237 -29.93 -2.66 16.95
C LEU A 237 -29.83 -3.52 18.18
N ARG A 238 -30.70 -4.52 18.27
CA ARG A 238 -30.69 -5.43 19.41
C ARG A 238 -29.48 -6.36 19.33
N LEU A 239 -29.03 -6.62 18.10
CA LEU A 239 -27.84 -7.44 17.86
C LEU A 239 -26.67 -6.56 18.23
N VAL A 240 -26.77 -5.27 17.90
CA VAL A 240 -25.73 -4.30 18.23
C VAL A 240 -25.54 -4.27 19.75
N LYS A 241 -26.63 -4.21 20.50
CA LYS A 241 -26.54 -4.20 21.96
C LYS A 241 -25.96 -5.51 22.48
N GLN A 242 -26.45 -6.63 21.94
CA GLN A 242 -26.00 -7.95 22.36
C GLN A 242 -24.50 -8.14 22.18
N THR A 243 -23.96 -7.62 21.08
CA THR A 243 -22.53 -7.73 20.79
C THR A 243 -21.73 -6.53 21.32
N ASP A 244 -22.43 -5.53 21.87
CA ASP A 244 -21.80 -4.32 22.40
C ASP A 244 -21.12 -3.52 21.29
N SER A 245 -21.76 -3.48 20.13
CA SER A 245 -21.23 -2.78 19.00
C SER A 245 -21.48 -1.28 19.10
N LEU A 246 -21.45 -0.60 17.96
CA LEU A 246 -21.61 0.85 17.94
C LEU A 246 -22.24 1.37 16.67
N VAL A 247 -23.18 2.31 16.82
CA VAL A 247 -23.84 2.92 15.68
C VAL A 247 -23.51 4.41 15.71
N MET A 248 -22.79 4.86 14.69
CA MET A 248 -22.39 6.26 14.58
C MET A 248 -23.32 6.97 13.61
N VAL A 249 -24.15 7.83 14.20
CA VAL A 249 -25.19 8.60 13.53
C VAL A 249 -24.78 9.53 12.38
N ASN A 250 -25.51 9.38 11.28
CA ASN A 250 -25.33 10.14 10.05
C ASN A 250 -26.27 11.36 10.06
N PHE A 251 -25.73 12.55 9.79
CA PHE A 251 -26.51 13.79 9.80
C PHE A 251 -27.24 14.11 8.49
N TYR A 252 -26.99 13.34 7.44
CA TYR A 252 -27.67 13.59 6.16
C TYR A 252 -29.18 13.77 6.37
N ASN A 253 -29.68 14.93 5.94
CA ASN A 253 -31.10 15.28 6.06
C ASN A 253 -32.03 14.14 5.67
N ASN A 254 -31.78 13.56 4.50
CA ASN A 254 -32.61 12.47 3.97
C ASN A 254 -32.58 11.15 4.71
N TYR A 255 -31.74 11.05 5.73
CA TYR A 255 -31.66 9.85 6.54
C TYR A 255 -32.15 10.20 7.93
N ILE A 256 -32.23 11.50 8.19
CA ILE A 256 -32.66 12.04 9.47
C ILE A 256 -34.16 12.34 9.47
N SER A 257 -34.61 13.09 8.47
CA SER A 257 -36.02 13.44 8.37
C SER A 257 -36.68 12.67 7.23
N CYS A 258 -35.87 11.95 6.46
CA CYS A 258 -36.31 11.18 5.31
C CYS A 258 -36.75 12.11 4.19
N THR A 259 -36.38 13.38 4.33
CA THR A 259 -36.71 14.41 3.36
C THR A 259 -35.52 15.36 3.26
N ASN A 260 -35.62 16.34 2.37
CA ASN A 260 -34.55 17.32 2.17
C ASN A 260 -34.25 18.27 3.31
N LYS A 261 -35.28 18.67 4.05
CA LYS A 261 -35.11 19.58 5.18
C LYS A 261 -35.07 18.80 6.48
N ALA A 262 -34.18 19.20 7.38
CA ALA A 262 -34.05 18.57 8.68
C ALA A 262 -33.38 19.57 9.59
N ASN A 263 -33.41 19.29 10.89
CA ASN A 263 -32.80 20.18 11.86
C ASN A 263 -32.06 19.40 12.94
N LEU A 264 -31.47 20.14 13.88
CA LEU A 264 -30.70 19.57 14.97
C LEU A 264 -31.50 18.74 15.96
N SER A 265 -32.78 19.04 16.10
CA SER A 265 -33.65 18.31 17.02
C SER A 265 -33.94 16.90 16.51
N GLN A 266 -34.24 16.79 15.21
CA GLN A 266 -34.54 15.50 14.60
C GLN A 266 -33.35 14.54 14.71
N VAL A 267 -32.14 15.08 14.64
CA VAL A 267 -30.92 14.28 14.77
C VAL A 267 -30.85 13.75 16.20
N ALA A 268 -31.22 14.59 17.18
CA ALA A 268 -31.21 14.18 18.57
C ALA A 268 -32.24 13.05 18.80
N ASP A 269 -33.29 13.04 17.97
CA ASP A 269 -34.33 12.02 18.06
C ASP A 269 -33.75 10.66 17.69
N HIS A 270 -32.90 10.65 16.67
CA HIS A 270 -32.25 9.43 16.22
C HIS A 270 -31.36 8.89 17.33
N LEU A 271 -30.61 9.79 17.95
CA LEU A 271 -29.69 9.42 19.02
C LEU A 271 -30.46 8.83 20.22
N ASP A 272 -31.65 9.39 20.48
CA ASP A 272 -32.50 8.93 21.57
C ASP A 272 -33.03 7.52 21.31
N HIS A 273 -33.46 7.27 20.08
CA HIS A 273 -33.99 5.97 19.72
C HIS A 273 -32.93 4.89 19.89
N ILE A 274 -31.76 5.12 19.29
CA ILE A 274 -30.67 4.17 19.39
C ILE A 274 -30.34 3.88 20.84
N LYS A 275 -30.33 4.93 21.65
CA LYS A 275 -30.04 4.83 23.07
C LYS A 275 -31.04 3.94 23.85
N GLU A 276 -32.30 3.91 23.40
CA GLU A 276 -33.27 3.07 24.11
C GLU A 276 -33.30 1.64 23.58
N VAL A 277 -33.23 1.49 22.26
CA VAL A 277 -33.25 0.16 21.65
C VAL A 277 -31.93 -0.60 21.79
N ALA A 278 -30.83 0.07 21.43
CA ALA A 278 -29.51 -0.55 21.49
C ALA A 278 -28.71 -0.23 22.75
N GLY A 279 -29.19 0.73 23.55
CA GLY A 279 -28.47 1.10 24.76
C GLY A 279 -27.60 2.32 24.53
N ALA A 280 -27.19 2.98 25.62
CA ALA A 280 -26.37 4.19 25.53
C ALA A 280 -24.92 3.97 25.06
N ARG A 281 -24.34 2.82 25.40
CA ARG A 281 -22.96 2.53 25.00
C ARG A 281 -22.83 2.14 23.52
N ALA A 282 -23.95 2.22 22.81
CA ALA A 282 -24.02 1.89 21.40
C ALA A 282 -24.26 3.12 20.53
N VAL A 283 -24.09 4.30 21.08
CA VAL A 283 -24.35 5.51 20.31
C VAL A 283 -23.09 6.36 20.11
N GLY A 284 -22.95 6.90 18.89
CA GLY A 284 -21.81 7.74 18.56
C GLY A 284 -22.10 8.65 17.38
N PHE A 285 -21.10 9.41 16.94
CA PHE A 285 -21.28 10.33 15.81
C PHE A 285 -20.48 9.95 14.56
N GLY A 286 -21.14 9.99 13.43
CA GLY A 286 -20.53 9.68 12.15
C GLY A 286 -21.30 10.59 11.20
N GLY A 287 -21.11 11.89 11.42
CA GLY A 287 -21.82 12.91 10.67
C GLY A 287 -21.97 12.86 9.18
N ASP A 288 -20.97 12.32 8.49
CA ASP A 288 -20.98 12.24 7.03
C ASP A 288 -20.78 13.63 6.40
N PHE A 289 -20.09 14.51 7.13
CA PHE A 289 -19.80 15.85 6.61
C PHE A 289 -18.88 15.75 5.40
N ASP A 290 -19.16 16.58 4.41
CA ASP A 290 -18.40 16.65 3.17
C ASP A 290 -18.62 15.46 2.25
N GLY A 291 -19.55 14.62 2.65
CA GLY A 291 -19.89 13.47 1.84
C GLY A 291 -21.30 13.64 1.31
N VAL A 292 -22.11 14.40 2.05
CA VAL A 292 -23.51 14.68 1.70
C VAL A 292 -23.75 16.15 1.35
N PRO A 293 -24.71 16.42 0.44
CA PRO A 293 -25.08 17.77 0.00
C PRO A 293 -25.93 18.59 1.00
N ARG A 294 -26.84 17.92 1.69
CA ARG A 294 -27.72 18.58 2.65
C ARG A 294 -27.44 18.18 4.09
N VAL A 295 -27.15 19.17 4.93
CA VAL A 295 -26.91 18.95 6.36
C VAL A 295 -27.97 19.72 7.16
N PRO A 296 -28.35 19.20 8.33
CA PRO A 296 -29.37 19.80 9.20
C PRO A 296 -29.20 21.25 9.60
N GLU A 297 -30.34 21.87 9.87
CA GLU A 297 -30.43 23.25 10.32
C GLU A 297 -29.86 23.18 11.72
N GLY A 298 -28.87 24.01 12.00
CA GLY A 298 -28.22 23.98 13.30
C GLY A 298 -26.95 23.13 13.25
N LEU A 299 -26.86 22.23 12.29
CA LEU A 299 -25.69 21.37 12.10
C LEU A 299 -25.15 21.60 10.70
N GLU A 300 -24.89 22.86 10.41
CA GLU A 300 -24.41 23.28 9.10
C GLU A 300 -23.01 22.75 8.77
N ASP A 301 -22.13 22.73 9.77
CA ASP A 301 -20.79 22.24 9.55
C ASP A 301 -20.17 21.64 10.80
N VAL A 302 -18.90 21.24 10.69
CA VAL A 302 -18.20 20.61 11.80
C VAL A 302 -18.00 21.44 13.07
N SER A 303 -18.44 22.70 13.06
CA SER A 303 -18.30 23.53 14.27
C SER A 303 -19.57 23.48 15.13
N LYS A 304 -20.65 22.95 14.54
CA LYS A 304 -21.95 22.85 15.18
C LYS A 304 -22.17 21.74 16.21
N TYR A 305 -21.17 20.87 16.38
CA TYR A 305 -21.27 19.77 17.33
C TYR A 305 -21.68 20.13 18.76
N PRO A 306 -21.08 21.17 19.36
CA PRO A 306 -21.45 21.53 20.73
C PRO A 306 -22.95 21.79 20.90
N ASP A 307 -23.58 22.32 19.86
CA ASP A 307 -25.01 22.59 19.89
C ASP A 307 -25.81 21.29 19.96
N LEU A 308 -25.34 20.25 19.28
CA LEU A 308 -26.03 18.95 19.31
C LEU A 308 -25.93 18.31 20.70
N ILE A 309 -24.79 18.53 21.37
CA ILE A 309 -24.57 17.99 22.70
C ILE A 309 -25.44 18.72 23.74
N ALA A 310 -25.60 20.04 23.54
CA ALA A 310 -26.43 20.85 24.43
C ALA A 310 -27.85 20.31 24.41
N GLU A 311 -28.35 19.98 23.22
CA GLU A 311 -29.68 19.41 23.02
C GLU A 311 -29.83 18.09 23.77
N LEU A 312 -28.80 17.25 23.72
CA LEU A 312 -28.84 15.97 24.42
C LEU A 312 -28.93 16.26 25.91
N LEU A 313 -28.17 17.24 26.37
CA LEU A 313 -28.17 17.63 27.77
C LEU A 313 -29.55 18.16 28.15
N ARG A 314 -30.12 18.98 27.27
CA ARG A 314 -31.45 19.55 27.49
C ARG A 314 -32.44 18.42 27.68
N ARG A 315 -32.25 17.35 26.90
CA ARG A 315 -33.12 16.18 26.96
C ARG A 315 -32.80 15.25 28.12
N ASN A 316 -31.98 15.72 29.03
CA ASN A 316 -31.63 14.98 30.22
C ASN A 316 -30.66 13.80 30.04
N TRP A 317 -29.77 13.87 29.05
CA TRP A 317 -28.78 12.82 28.88
C TRP A 317 -27.75 13.08 29.96
N THR A 318 -27.29 12.04 30.66
CA THR A 318 -26.28 12.22 31.70
C THR A 318 -24.93 12.52 31.07
N GLU A 319 -24.02 13.09 31.87
CA GLU A 319 -22.69 13.43 31.40
C GLU A 319 -21.96 12.20 30.86
N ALA A 320 -22.15 11.07 31.54
CA ALA A 320 -21.54 9.81 31.13
C ALA A 320 -22.07 9.39 29.77
N GLU A 321 -23.37 9.57 29.55
CA GLU A 321 -24.00 9.20 28.30
C GLU A 321 -23.53 10.02 27.12
N VAL A 322 -23.28 11.32 27.34
CA VAL A 322 -22.81 12.17 26.25
C VAL A 322 -21.33 11.95 26.00
N LYS A 323 -20.55 11.76 27.07
CA LYS A 323 -19.12 11.52 26.92
C LYS A 323 -18.92 10.22 26.16
N GLY A 324 -19.85 9.28 26.35
CA GLY A 324 -19.80 8.01 25.68
C GLY A 324 -20.11 8.17 24.21
N ALA A 325 -21.06 9.03 23.89
CA ALA A 325 -21.43 9.29 22.50
C ALA A 325 -20.34 10.13 21.83
N LEU A 326 -19.61 10.89 22.62
CA LEU A 326 -18.55 11.76 22.13
C LEU A 326 -17.27 11.02 21.74
N ALA A 327 -16.78 10.16 22.64
CA ALA A 327 -15.55 9.45 22.38
C ALA A 327 -15.45 8.06 23.01
N ASP A 328 -15.90 7.94 24.25
CA ASP A 328 -15.82 6.68 24.98
C ASP A 328 -16.35 5.41 24.34
N ASN A 329 -17.47 5.47 23.65
CA ASN A 329 -18.00 4.26 23.03
C ASN A 329 -17.10 3.78 21.90
N LEU A 330 -16.58 4.72 21.12
CA LEU A 330 -15.69 4.40 20.01
C LEU A 330 -14.41 3.78 20.56
N LEU A 331 -13.87 4.38 21.62
CA LEU A 331 -12.65 3.88 22.24
C LEU A 331 -12.84 2.48 22.86
N ARG A 332 -14.04 2.19 23.33
CA ARG A 332 -14.34 0.88 23.92
C ARG A 332 -14.28 -0.16 22.81
N VAL A 333 -15.04 0.09 21.74
CA VAL A 333 -15.11 -0.81 20.59
C VAL A 333 -13.75 -0.96 19.89
N PHE A 334 -12.99 0.14 19.80
CA PHE A 334 -11.68 0.12 19.16
C PHE A 334 -10.75 -0.80 19.94
N GLU A 335 -10.70 -0.62 21.26
CA GLU A 335 -9.86 -1.44 22.14
C GLU A 335 -10.23 -2.90 22.02
N ALA A 336 -11.53 -3.18 21.96
CA ALA A 336 -12.03 -4.54 21.84
C ALA A 336 -11.51 -5.19 20.56
N VAL A 337 -11.59 -4.45 19.46
CA VAL A 337 -11.13 -4.92 18.16
C VAL A 337 -9.63 -5.23 18.19
N GLU A 338 -8.88 -4.45 18.96
CA GLU A 338 -7.45 -4.61 19.08
C GLU A 338 -7.12 -5.82 19.94
N GLN A 339 -7.89 -6.02 21.01
CA GLN A 339 -7.67 -7.15 21.90
C GLN A 339 -8.05 -8.46 21.22
N ALA A 340 -8.96 -8.36 20.24
CA ALA A 340 -9.41 -9.55 19.50
C ALA A 340 -8.48 -9.88 18.33
N SER A 341 -7.53 -8.99 18.04
CA SER A 341 -6.59 -9.22 16.94
C SER A 341 -5.52 -10.22 17.35
N ASN A 342 -5.02 -10.97 16.39
CA ASN A 342 -3.99 -11.97 16.64
C ASN A 342 -3.08 -12.04 15.43
N LEU A 343 -2.06 -11.19 15.42
CA LEU A 343 -1.12 -11.10 14.30
C LEU A 343 -0.13 -12.27 14.13
N THR A 344 0.09 -13.04 15.17
CA THR A 344 0.98 -14.19 15.09
C THR A 344 0.22 -15.33 14.42
N GLN A 345 -1.11 -15.16 14.32
CA GLN A 345 -1.96 -16.16 13.68
C GLN A 345 -1.73 -16.07 12.17
N ALA A 346 -1.68 -17.23 11.53
CA ALA A 346 -1.46 -17.32 10.10
C ALA A 346 -2.51 -16.56 9.31
N PRO A 347 -2.07 -15.56 8.51
CA PRO A 347 -2.99 -14.75 7.70
C PRO A 347 -3.83 -15.64 6.80
N GLU A 348 -4.97 -15.12 6.36
CA GLU A 348 -5.81 -15.86 5.45
C GLU A 348 -5.16 -15.71 4.09
N GLU A 349 -4.95 -16.83 3.41
CA GLU A 349 -4.30 -16.79 2.11
C GLU A 349 -5.06 -17.48 1.01
N GLU A 350 -6.23 -18.04 1.32
CA GLU A 350 -7.00 -18.72 0.29
C GLU A 350 -7.75 -17.65 -0.52
N PRO A 351 -7.32 -17.46 -1.77
CA PRO A 351 -7.90 -16.49 -2.68
C PRO A 351 -9.34 -16.79 -3.04
N ILE A 352 -10.03 -15.77 -3.50
CA ILE A 352 -11.40 -15.89 -3.91
C ILE A 352 -11.38 -16.73 -5.19
N PRO A 353 -12.42 -17.56 -5.40
CA PRO A 353 -12.45 -18.38 -6.61
C PRO A 353 -12.47 -17.51 -7.86
N LEU A 354 -11.69 -17.92 -8.86
CA LEU A 354 -11.57 -17.21 -10.12
C LEU A 354 -12.90 -16.86 -10.78
N ASP A 355 -13.85 -17.78 -10.70
CA ASP A 355 -15.16 -17.56 -11.29
C ASP A 355 -15.95 -16.45 -10.61
N GLN A 356 -15.45 -15.98 -9.47
CA GLN A 356 -16.10 -14.92 -8.71
C GLN A 356 -15.44 -13.55 -8.91
N LEU A 357 -14.25 -13.53 -9.50
CA LEU A 357 -13.56 -12.28 -9.79
C LEU A 357 -14.28 -11.69 -11.00
N GLY A 358 -14.30 -10.37 -11.10
CA GLY A 358 -15.01 -9.77 -12.22
C GLY A 358 -14.32 -8.64 -12.96
N GLY A 359 -14.96 -8.24 -14.06
CA GLY A 359 -14.45 -7.17 -14.88
C GLY A 359 -13.50 -7.63 -15.97
N SER A 360 -13.20 -6.71 -16.88
CA SER A 360 -12.31 -6.98 -18.00
C SER A 360 -10.99 -6.26 -17.76
N CYS A 361 -10.67 -5.97 -16.50
CA CYS A 361 -9.46 -5.24 -16.17
C CYS A 361 -8.50 -5.96 -15.27
N ARG A 362 -8.34 -7.25 -15.49
CA ARG A 362 -7.43 -8.02 -14.66
C ARG A 362 -6.82 -9.18 -15.42
N THR A 363 -5.79 -9.76 -14.83
CA THR A 363 -5.10 -10.91 -15.39
C THR A 363 -5.36 -12.09 -14.45
N HIS A 364 -5.07 -13.31 -14.91
CA HIS A 364 -5.35 -14.48 -14.08
C HIS A 364 -4.17 -15.33 -13.61
N TYR A 365 -3.05 -14.69 -13.33
CA TYR A 365 -1.86 -15.39 -12.84
C TYR A 365 -2.09 -15.95 -11.45
N GLY A 366 -1.58 -17.16 -11.22
CA GLY A 366 -1.75 -17.80 -9.92
C GLY A 366 -2.87 -18.83 -9.95
N TYR A 367 -3.92 -18.53 -10.70
CA TYR A 367 -5.05 -19.44 -10.82
C TYR A 367 -4.75 -20.51 -11.85
N SER A 368 -5.03 -21.76 -11.51
CA SER A 368 -4.78 -22.87 -12.41
C SER A 368 -5.51 -24.14 -11.97
N SER A 369 -4.91 -24.85 -11.02
CA SER A 369 -5.49 -26.08 -10.48
C SER A 369 -5.74 -25.95 -8.98
N ASP B 1 39.81 -26.98 -3.52
CA ASP B 1 40.35 -25.85 -4.33
C ASP B 1 40.71 -24.68 -3.43
N PHE B 2 41.92 -24.15 -3.58
CA PHE B 2 42.38 -23.03 -2.78
C PHE B 2 41.43 -21.84 -2.89
N PHE B 3 41.08 -21.50 -4.13
CA PHE B 3 40.19 -20.38 -4.42
C PHE B 3 38.80 -20.53 -3.85
N ARG B 4 38.24 -21.74 -3.92
CA ARG B 4 36.90 -22.01 -3.38
C ARG B 4 36.93 -21.83 -1.86
N ASP B 5 38.05 -22.20 -1.24
CA ASP B 5 38.22 -22.09 0.21
C ASP B 5 38.37 -20.65 0.65
N GLU B 6 39.03 -19.84 -0.19
CA GLU B 6 39.21 -18.44 0.09
C GLU B 6 37.90 -17.69 -0.13
N ALA B 7 37.16 -18.12 -1.15
CA ALA B 7 35.86 -17.52 -1.46
C ALA B 7 34.98 -17.64 -0.23
N GLU B 8 34.89 -18.86 0.31
CA GLU B 8 34.09 -19.11 1.50
C GLU B 8 34.58 -18.31 2.71
N ARG B 9 35.87 -18.04 2.75
CA ARG B 9 36.46 -17.28 3.86
C ARG B 9 36.02 -15.83 3.78
N ILE B 10 36.13 -15.25 2.58
CA ILE B 10 35.76 -13.87 2.33
C ILE B 10 34.25 -13.66 2.48
N MET B 11 33.49 -14.64 2.00
CA MET B 11 32.03 -14.59 2.04
C MET B 11 31.37 -14.65 3.41
N ARG B 12 32.11 -15.13 4.42
CA ARG B 12 31.57 -15.19 5.78
C ARG B 12 31.50 -13.78 6.33
N ASP B 13 32.48 -12.96 5.97
CA ASP B 13 32.57 -11.59 6.41
C ASP B 13 31.99 -10.61 5.40
N SER B 14 31.57 -11.14 4.25
CA SER B 14 30.98 -10.33 3.19
C SER B 14 30.03 -11.17 2.36
N PRO B 15 28.83 -11.44 2.89
CA PRO B 15 27.84 -12.25 2.18
C PRO B 15 27.46 -11.54 0.89
N VAL B 16 26.97 -12.29 -0.08
CA VAL B 16 26.57 -11.66 -1.31
C VAL B 16 25.20 -10.99 -1.13
N ILE B 17 25.06 -9.79 -1.68
CA ILE B 17 23.80 -9.07 -1.65
C ILE B 17 23.42 -9.07 -3.12
N ASP B 18 22.43 -9.89 -3.47
CA ASP B 18 21.98 -9.98 -4.85
C ASP B 18 20.93 -8.90 -5.10
N GLY B 19 20.92 -8.34 -6.29
CA GLY B 19 19.99 -7.28 -6.61
C GLY B 19 18.67 -7.67 -7.23
N HIS B 20 18.50 -8.94 -7.59
CA HIS B 20 17.25 -9.37 -8.23
C HIS B 20 16.95 -10.87 -8.30
N ASN B 21 15.98 -11.31 -7.50
CA ASN B 21 15.55 -12.71 -7.49
C ASN B 21 14.02 -12.75 -7.65
N ASP B 22 13.54 -13.50 -8.63
CA ASP B 22 12.11 -13.59 -8.88
C ASP B 22 11.36 -14.73 -8.18
N LEU B 23 11.80 -15.09 -6.98
CA LEU B 23 11.10 -16.15 -6.25
C LEU B 23 9.61 -15.80 -6.03
N PRO B 24 9.30 -14.53 -5.64
CA PRO B 24 7.91 -14.12 -5.42
C PRO B 24 7.03 -14.52 -6.58
N TRP B 25 7.53 -14.30 -7.78
CA TRP B 25 6.80 -14.66 -8.97
C TRP B 25 6.57 -16.17 -9.05
N GLN B 26 7.52 -16.96 -8.58
CA GLN B 26 7.37 -18.41 -8.60
C GLN B 26 6.30 -18.86 -7.61
N LEU B 27 6.30 -18.24 -6.42
CA LEU B 27 5.32 -18.55 -5.40
C LEU B 27 3.93 -18.26 -5.94
N LEU B 28 3.81 -17.18 -6.71
CA LEU B 28 2.52 -16.82 -7.30
C LEU B 28 2.15 -17.86 -8.35
N ASP B 29 3.06 -18.04 -9.30
CA ASP B 29 2.86 -18.96 -10.41
C ASP B 29 2.59 -20.41 -10.03
N MET B 30 3.29 -20.91 -9.00
CA MET B 30 3.13 -22.31 -8.56
C MET B 30 2.03 -22.61 -7.54
N PHE B 31 1.83 -21.71 -6.57
CA PHE B 31 0.84 -21.94 -5.52
C PHE B 31 -0.22 -20.86 -5.31
N ASN B 32 -0.21 -19.81 -6.15
CA ASN B 32 -1.14 -18.69 -6.03
C ASN B 32 -0.90 -18.01 -4.69
N ASN B 33 0.37 -17.94 -4.31
CA ASN B 33 0.82 -17.33 -3.06
C ASN B 33 0.40 -18.03 -1.78
N ARG B 34 -0.09 -19.25 -1.91
CA ARG B 34 -0.50 -20.04 -0.74
C ARG B 34 0.77 -20.63 -0.15
N LEU B 35 1.34 -19.90 0.82
CA LEU B 35 2.57 -20.29 1.48
C LEU B 35 2.44 -21.43 2.46
N GLN B 36 1.22 -21.67 2.93
CA GLN B 36 0.95 -22.74 3.87
C GLN B 36 0.90 -24.08 3.17
N ASP B 37 0.82 -24.04 1.84
CA ASP B 37 0.80 -25.25 1.03
C ASP B 37 2.15 -25.91 1.33
N GLU B 38 2.16 -27.22 1.59
CA GLU B 38 3.40 -27.91 1.93
C GLU B 38 4.39 -28.02 0.77
N ARG B 39 3.88 -27.94 -0.46
CA ARG B 39 4.73 -27.97 -1.63
C ARG B 39 5.55 -26.67 -1.62
N ALA B 40 4.94 -25.62 -1.07
CA ALA B 40 5.52 -24.29 -0.99
C ALA B 40 6.50 -24.07 0.15
N ASN B 41 6.72 -25.09 0.97
CA ASN B 41 7.65 -24.98 2.07
C ASN B 41 9.05 -24.68 1.53
N LEU B 42 9.57 -23.51 1.88
CA LEU B 42 10.87 -23.01 1.41
C LEU B 42 12.14 -23.74 1.84
N THR B 43 12.03 -24.59 2.86
CA THR B 43 13.19 -25.35 3.33
C THR B 43 13.36 -26.61 2.48
N THR B 44 12.28 -27.03 1.82
CA THR B 44 12.31 -28.22 0.97
C THR B 44 11.76 -27.91 -0.42
N LEU B 45 11.57 -26.63 -0.73
CA LEU B 45 11.05 -26.25 -2.03
C LEU B 45 11.98 -26.75 -3.14
N ALA B 46 11.40 -27.38 -4.15
CA ALA B 46 12.17 -27.91 -5.27
C ALA B 46 11.56 -27.45 -6.57
N GLY B 47 12.41 -27.32 -7.60
CA GLY B 47 11.93 -26.88 -8.90
C GLY B 47 12.16 -25.39 -9.12
N THR B 48 12.96 -24.78 -8.24
CA THR B 48 13.29 -23.37 -8.34
C THR B 48 14.78 -23.25 -8.08
N HIS B 49 15.32 -22.08 -8.38
CA HIS B 49 16.74 -21.84 -8.18
C HIS B 49 16.98 -21.44 -6.73
N THR B 50 15.92 -21.05 -6.04
CA THR B 50 16.03 -20.58 -4.67
C THR B 50 15.21 -21.35 -3.64
N ASN B 51 15.77 -21.41 -2.44
CA ASN B 51 15.13 -22.02 -1.28
C ASN B 51 16.09 -21.80 -0.12
N ILE B 52 15.63 -22.07 1.08
CA ILE B 52 16.47 -21.83 2.25
C ILE B 52 17.81 -22.54 2.27
N PRO B 53 17.83 -23.88 2.15
CA PRO B 53 19.13 -24.56 2.15
C PRO B 53 20.10 -24.05 1.05
N LYS B 54 19.57 -23.76 -0.13
CA LYS B 54 20.40 -23.23 -1.21
C LYS B 54 20.89 -21.82 -0.92
N LEU B 55 20.05 -20.99 -0.29
CA LEU B 55 20.45 -19.63 0.05
C LEU B 55 21.59 -19.62 1.07
N ARG B 56 21.54 -20.55 2.01
CA ARG B 56 22.57 -20.65 3.04
C ARG B 56 23.91 -21.13 2.51
N ALA B 57 23.86 -22.07 1.58
CA ALA B 57 25.06 -22.66 0.96
C ALA B 57 25.74 -21.75 -0.05
N GLY B 58 24.99 -20.79 -0.58
CA GLY B 58 25.53 -19.84 -1.54
C GLY B 58 26.12 -18.63 -0.86
N PHE B 59 26.01 -18.60 0.46
CA PHE B 59 26.52 -17.50 1.27
C PHE B 59 25.82 -16.17 0.99
N VAL B 60 24.52 -16.26 0.71
CA VAL B 60 23.71 -15.06 0.44
C VAL B 60 23.20 -14.49 1.77
N GLY B 61 23.51 -13.21 2.01
CA GLY B 61 23.07 -12.56 3.23
C GLY B 61 22.22 -11.31 2.98
N GLY B 62 21.90 -11.08 1.72
CA GLY B 62 21.11 -9.93 1.35
C GLY B 62 20.42 -10.24 0.04
N GLN B 63 19.12 -9.97 -0.03
CA GLN B 63 18.39 -10.24 -1.24
C GLN B 63 17.29 -9.25 -1.54
N PHE B 64 17.39 -8.64 -2.71
CA PHE B 64 16.36 -7.75 -3.15
C PHE B 64 15.39 -8.69 -3.83
N TRP B 65 14.26 -8.94 -3.18
CA TRP B 65 13.24 -9.82 -3.75
C TRP B 65 12.45 -9.01 -4.73
N SER B 66 12.36 -9.50 -5.95
CA SER B 66 11.65 -8.82 -6.99
C SER B 66 10.14 -8.97 -6.86
N VAL B 67 9.47 -7.83 -6.82
CA VAL B 67 8.02 -7.77 -6.75
C VAL B 67 7.73 -7.38 -8.19
N TYR B 68 7.34 -8.37 -8.96
CA TYR B 68 7.10 -8.21 -10.38
C TYR B 68 5.72 -8.65 -10.83
N THR B 69 5.14 -7.85 -11.71
CA THR B 69 3.84 -8.12 -12.29
C THR B 69 4.11 -7.90 -13.78
N PRO B 70 3.70 -8.85 -14.63
CA PRO B 70 3.91 -8.75 -16.07
C PRO B 70 3.42 -7.49 -16.72
N CYS B 71 4.04 -7.14 -17.85
CA CYS B 71 3.70 -5.96 -18.61
C CYS B 71 2.25 -5.94 -19.05
N ASP B 72 1.65 -7.12 -19.22
CA ASP B 72 0.26 -7.19 -19.66
C ASP B 72 -0.74 -6.80 -18.57
N THR B 73 -0.24 -6.54 -17.37
CA THR B 73 -1.11 -6.13 -16.25
C THR B 73 -1.19 -4.61 -16.21
N GLN B 74 -0.29 -3.93 -16.92
CA GLN B 74 -0.30 -2.46 -16.98
C GLN B 74 -1.64 -2.03 -17.54
N ASN B 75 -2.27 -1.04 -16.89
CA ASN B 75 -3.59 -0.52 -17.27
C ASN B 75 -4.70 -1.56 -17.01
N LYS B 76 -4.38 -2.51 -16.13
CA LYS B 76 -5.29 -3.57 -15.72
C LYS B 76 -5.20 -3.73 -14.21
N ASP B 77 -4.59 -4.83 -13.75
CA ASP B 77 -4.47 -5.08 -12.32
C ASP B 77 -3.05 -4.99 -11.77
N ALA B 78 -2.23 -4.17 -12.42
CA ALA B 78 -0.83 -4.00 -12.03
C ALA B 78 -0.65 -3.58 -10.58
N VAL B 79 -1.49 -2.66 -10.11
CA VAL B 79 -1.36 -2.17 -8.74
C VAL B 79 -1.81 -3.22 -7.73
N ARG B 80 -2.93 -3.88 -8.01
CA ARG B 80 -3.45 -4.93 -7.14
C ARG B 80 -2.38 -6.00 -6.95
N ARG B 81 -1.92 -6.57 -8.07
CA ARG B 81 -0.90 -7.62 -8.04
C ARG B 81 0.42 -7.20 -7.41
N THR B 82 0.78 -5.92 -7.53
CA THR B 82 2.00 -5.40 -6.94
C THR B 82 1.89 -5.50 -5.43
N LEU B 83 0.70 -5.25 -4.92
CA LEU B 83 0.43 -5.31 -3.49
C LEU B 83 0.45 -6.74 -3.00
N GLU B 84 -0.14 -7.65 -3.81
CA GLU B 84 -0.17 -9.07 -3.46
C GLU B 84 1.22 -9.63 -3.40
N GLN B 85 2.04 -9.25 -4.38
CA GLN B 85 3.42 -9.72 -4.45
C GLN B 85 4.25 -9.14 -3.33
N MET B 86 3.97 -7.90 -2.94
CA MET B 86 4.69 -7.30 -1.83
C MET B 86 4.21 -8.01 -0.57
N ASP B 87 2.94 -8.38 -0.55
CA ASP B 87 2.37 -9.09 0.60
C ASP B 87 3.07 -10.44 0.81
N VAL B 88 3.23 -11.20 -0.27
CA VAL B 88 3.88 -12.51 -0.17
C VAL B 88 5.30 -12.39 0.39
N VAL B 89 6.00 -11.31 0.07
CA VAL B 89 7.36 -11.09 0.56
C VAL B 89 7.33 -10.85 2.05
N HIS B 90 6.37 -10.04 2.49
CA HIS B 90 6.20 -9.71 3.91
C HIS B 90 5.91 -10.96 4.72
N ARG B 91 4.96 -11.76 4.25
CA ARG B 91 4.58 -12.99 4.94
C ARG B 91 5.70 -14.01 4.95
N MET B 92 6.37 -14.17 3.81
CA MET B 92 7.48 -15.09 3.66
C MET B 92 8.51 -14.82 4.74
N CYS B 93 8.78 -13.55 5.01
CA CYS B 93 9.75 -13.18 6.03
C CYS B 93 9.20 -13.49 7.41
N ARG B 94 7.88 -13.33 7.56
CA ARG B 94 7.22 -13.60 8.83
C ARG B 94 7.15 -15.10 9.10
N MET B 95 6.94 -15.87 8.04
CA MET B 95 6.82 -17.32 8.14
C MET B 95 8.16 -18.03 8.43
N TYR B 96 9.26 -17.47 7.93
CA TYR B 96 10.58 -18.05 8.14
C TYR B 96 11.48 -17.00 8.77
N PRO B 97 11.18 -16.63 10.02
CA PRO B 97 11.92 -15.63 10.79
C PRO B 97 13.35 -16.00 11.10
N GLU B 98 13.64 -17.30 11.11
CA GLU B 98 14.97 -17.78 11.40
C GLU B 98 15.94 -17.50 10.26
N THR B 99 15.40 -17.47 9.04
CA THR B 99 16.19 -17.21 7.84
C THR B 99 16.10 -15.75 7.41
N PHE B 100 14.88 -15.30 7.11
CA PHE B 100 14.62 -13.97 6.62
C PHE B 100 14.47 -12.84 7.63
N LEU B 101 15.02 -11.67 7.26
CA LEU B 101 14.93 -10.46 8.06
C LEU B 101 14.58 -9.30 7.14
N TYR B 102 13.30 -8.96 7.11
CA TYR B 102 12.77 -7.89 6.30
C TYR B 102 13.40 -6.56 6.71
N VAL B 103 14.10 -5.91 5.79
CA VAL B 103 14.73 -4.64 6.07
C VAL B 103 14.34 -3.65 4.98
N THR B 104 14.54 -2.37 5.26
CA THR B 104 14.20 -1.33 4.31
C THR B 104 15.28 -0.26 4.27
N SER B 105 16.42 -0.54 4.91
CA SER B 105 17.52 0.41 4.96
C SER B 105 18.87 -0.29 4.91
N SER B 106 19.93 0.51 4.72
CA SER B 106 21.30 0.00 4.65
C SER B 106 21.75 -0.55 5.99
N ALA B 107 21.38 0.13 7.07
CA ALA B 107 21.73 -0.33 8.42
C ALA B 107 21.00 -1.65 8.70
N GLY B 108 19.85 -1.84 8.06
CA GLY B 108 19.09 -3.06 8.22
C GLY B 108 19.82 -4.24 7.61
N ILE B 109 20.44 -4.02 6.46
CA ILE B 109 21.20 -5.08 5.77
C ILE B 109 22.38 -5.45 6.65
N ARG B 110 23.01 -4.42 7.20
CA ARG B 110 24.16 -4.62 8.06
C ARG B 110 23.79 -5.38 9.34
N GLN B 111 22.55 -5.20 9.80
CA GLN B 111 22.08 -5.89 10.99
C GLN B 111 21.79 -7.35 10.65
N ALA B 112 21.12 -7.57 9.53
CA ALA B 112 20.80 -8.92 9.07
C ALA B 112 22.11 -9.70 9.03
N PHE B 113 23.17 -9.00 8.68
CA PHE B 113 24.51 -9.56 8.59
C PHE B 113 24.98 -10.00 9.96
N ARG B 114 24.94 -9.11 10.93
CA ARG B 114 25.38 -9.45 12.28
C ARG B 114 24.61 -10.62 12.88
N GLU B 115 23.30 -10.68 12.62
CA GLU B 115 22.43 -11.74 13.16
C GLU B 115 22.42 -13.06 12.39
N GLY B 116 23.17 -13.12 11.29
CA GLY B 116 23.22 -14.34 10.51
C GLY B 116 21.97 -14.59 9.69
N LYS B 117 21.27 -13.54 9.30
CA LYS B 117 20.05 -13.68 8.51
C LYS B 117 20.17 -13.13 7.11
N VAL B 118 19.27 -13.57 6.24
CA VAL B 118 19.25 -13.12 4.87
C VAL B 118 18.39 -11.88 4.83
N ALA B 119 19.03 -10.72 4.73
CA ALA B 119 18.34 -9.43 4.66
C ALA B 119 17.40 -9.47 3.47
N SER B 120 16.13 -9.18 3.72
CA SER B 120 15.15 -9.20 2.65
C SER B 120 14.59 -7.83 2.39
N LEU B 121 14.82 -7.34 1.18
CA LEU B 121 14.34 -6.04 0.78
C LEU B 121 13.43 -6.23 -0.41
N ILE B 122 12.71 -5.17 -0.75
CA ILE B 122 11.79 -5.24 -1.88
C ILE B 122 12.22 -4.30 -2.98
N GLY B 123 12.21 -4.83 -4.20
CA GLY B 123 12.55 -4.04 -5.36
C GLY B 123 11.38 -4.25 -6.27
N VAL B 124 10.70 -3.18 -6.67
CA VAL B 124 9.55 -3.30 -7.57
C VAL B 124 10.06 -3.16 -8.98
N GLU B 125 9.83 -4.20 -9.78
CA GLU B 125 10.30 -4.20 -11.15
C GLU B 125 9.29 -3.79 -12.20
N GLY B 126 9.42 -2.56 -12.67
CA GLY B 126 8.53 -2.06 -13.70
C GLY B 126 7.69 -0.89 -13.22
N GLY B 127 7.81 0.23 -13.92
CA GLY B 127 7.06 1.42 -13.55
C GLY B 127 5.56 1.32 -13.68
N HIS B 128 5.06 0.34 -14.43
CA HIS B 128 3.63 0.16 -14.58
C HIS B 128 2.92 -0.17 -13.25
N SER B 129 3.71 -0.51 -12.23
CA SER B 129 3.18 -0.83 -10.91
C SER B 129 2.56 0.37 -10.22
N ILE B 130 3.18 1.54 -10.36
CA ILE B 130 2.64 2.76 -9.75
C ILE B 130 1.53 3.38 -10.59
N ASP B 131 1.31 2.80 -11.76
CA ASP B 131 0.26 3.26 -12.68
C ASP B 131 0.23 4.78 -12.82
N SER B 132 1.40 5.36 -13.10
CA SER B 132 1.58 6.79 -13.30
C SER B 132 1.01 7.62 -12.16
N SER B 133 1.29 7.20 -10.94
CA SER B 133 0.78 7.89 -9.77
C SER B 133 1.83 8.10 -8.70
N LEU B 134 2.06 9.36 -8.37
CA LEU B 134 3.03 9.72 -7.36
C LEU B 134 2.52 9.25 -6.02
N GLY B 135 1.18 9.20 -5.89
CA GLY B 135 0.52 8.73 -4.68
C GLY B 135 0.74 7.24 -4.47
N VAL B 136 0.59 6.45 -5.53
CA VAL B 136 0.82 5.01 -5.46
C VAL B 136 2.32 4.79 -5.21
N LEU B 137 3.15 5.67 -5.76
CA LEU B 137 4.59 5.60 -5.58
C LEU B 137 4.94 5.68 -4.09
N ARG B 138 4.38 6.69 -3.41
CA ARG B 138 4.63 6.87 -1.97
C ARG B 138 4.04 5.73 -1.14
N ALA B 139 2.93 5.16 -1.61
CA ALA B 139 2.27 4.04 -0.93
C ALA B 139 3.22 2.86 -0.95
N LEU B 140 3.72 2.54 -2.15
CA LEU B 140 4.67 1.45 -2.33
C LEU B 140 5.91 1.66 -1.49
N TYR B 141 6.31 2.92 -1.35
CA TYR B 141 7.48 3.26 -0.55
C TYR B 141 7.27 2.83 0.90
N GLN B 142 6.11 3.16 1.46
CA GLN B 142 5.78 2.81 2.85
C GLN B 142 5.62 1.31 3.06
N LEU B 143 5.23 0.62 2.00
CA LEU B 143 5.06 -0.82 2.03
C LEU B 143 6.35 -1.62 1.85
N GLY B 144 7.48 -0.91 1.72
CA GLY B 144 8.76 -1.59 1.60
C GLY B 144 9.64 -1.40 0.37
N MET B 145 9.08 -0.92 -0.73
CA MET B 145 9.84 -0.70 -1.95
C MET B 145 11.11 0.14 -1.76
N ARG B 146 12.28 -0.47 -1.98
CA ARG B 146 13.56 0.25 -1.86
C ARG B 146 14.27 0.51 -3.19
N TYR B 147 13.68 0.05 -4.28
CA TYR B 147 14.17 0.32 -5.61
C TYR B 147 13.05 0.16 -6.59
N LEU B 148 13.00 1.03 -7.58
CA LEU B 148 11.97 0.94 -8.59
C LEU B 148 12.64 0.74 -9.94
N THR B 149 12.26 -0.32 -10.64
CA THR B 149 12.82 -0.56 -11.95
C THR B 149 11.92 0.31 -12.80
N LEU B 150 12.45 1.44 -13.26
CA LEU B 150 11.67 2.39 -14.04
C LEU B 150 10.67 1.77 -15.00
N THR B 151 11.11 0.77 -15.77
CA THR B 151 10.24 0.06 -16.69
C THR B 151 10.65 -1.40 -16.73
N HIS B 152 9.78 -2.24 -17.23
CA HIS B 152 10.13 -3.61 -17.41
C HIS B 152 10.35 -3.66 -18.91
N SER B 153 9.83 -4.70 -19.58
CA SER B 153 9.99 -4.81 -21.03
C SER B 153 8.78 -4.26 -21.77
N CYS B 154 8.38 -3.06 -21.38
CA CYS B 154 7.27 -2.32 -21.97
C CYS B 154 7.39 -0.88 -21.49
N ASN B 155 6.97 0.06 -22.33
CA ASN B 155 7.05 1.47 -21.95
C ASN B 155 5.89 1.83 -21.02
N THR B 156 6.14 2.79 -20.13
CA THR B 156 5.10 3.32 -19.27
C THR B 156 4.82 4.66 -19.98
N PRO B 157 3.85 5.45 -19.50
CA PRO B 157 3.63 6.71 -20.22
C PRO B 157 4.73 7.76 -19.99
N TRP B 158 5.68 7.46 -19.13
CA TRP B 158 6.75 8.42 -18.79
C TRP B 158 8.20 7.96 -18.95
N ALA B 159 8.41 6.75 -19.45
CA ALA B 159 9.76 6.21 -19.63
C ALA B 159 9.79 5.16 -20.73
N ASP B 160 10.94 5.03 -21.40
CA ASP B 160 11.10 4.06 -22.48
C ASP B 160 11.86 2.82 -22.06
N ASN B 161 11.43 1.66 -22.57
CA ASN B 161 12.06 0.38 -22.26
C ASN B 161 13.06 -0.07 -23.32
N TRP B 162 13.95 -0.98 -22.93
CA TRP B 162 15.01 -1.49 -23.79
C TRP B 162 14.57 -2.00 -25.16
N LEU B 163 13.32 -2.42 -25.29
CA LEU B 163 12.82 -2.92 -26.57
C LEU B 163 12.73 -1.82 -27.63
N VAL B 164 12.94 -0.59 -27.20
CA VAL B 164 12.92 0.56 -28.09
C VAL B 164 14.22 0.52 -28.91
N ASP B 165 15.28 0.04 -28.27
CA ASP B 165 16.61 -0.07 -28.87
C ASP B 165 16.80 -1.25 -29.83
N THR B 166 15.83 -2.17 -29.85
CA THR B 166 15.91 -3.31 -30.75
C THR B 166 14.91 -3.13 -31.88
N GLY B 167 14.08 -2.09 -31.75
CA GLY B 167 13.07 -1.82 -32.76
C GLY B 167 11.71 -2.42 -32.50
N ASP B 168 11.57 -3.16 -31.41
CA ASP B 168 10.29 -3.79 -31.08
C ASP B 168 9.28 -2.83 -30.47
N SER B 169 9.78 -1.76 -29.86
CA SER B 169 8.91 -0.74 -29.26
C SER B 169 9.23 0.63 -29.84
N GLU B 170 8.23 1.50 -29.82
CA GLU B 170 8.38 2.85 -30.34
C GLU B 170 8.78 3.76 -29.18
N PRO B 171 9.81 4.60 -29.37
CA PRO B 171 10.25 5.50 -28.30
C PRO B 171 9.20 6.58 -28.06
N GLN B 172 8.48 6.45 -26.95
CA GLN B 172 7.44 7.42 -26.63
C GLN B 172 7.97 8.67 -25.96
N SER B 173 8.66 8.49 -24.85
CA SER B 173 9.21 9.61 -24.11
C SER B 173 10.61 9.95 -24.55
N GLN B 174 11.23 9.02 -25.27
CA GLN B 174 12.61 9.19 -25.73
C GLN B 174 13.42 9.64 -24.54
N GLY B 175 13.36 8.82 -23.49
CA GLY B 175 14.04 9.09 -22.24
C GLY B 175 12.95 9.22 -21.20
N LEU B 176 12.97 10.34 -20.49
CA LEU B 176 11.98 10.63 -19.45
C LEU B 176 11.09 11.81 -19.83
N SER B 177 9.78 11.62 -19.73
CA SER B 177 8.85 12.69 -20.04
C SER B 177 8.90 13.65 -18.85
N PRO B 178 8.30 14.83 -18.96
CA PRO B 178 8.35 15.75 -17.80
C PRO B 178 7.83 15.08 -16.53
N PHE B 179 6.76 14.29 -16.65
CA PHE B 179 6.20 13.58 -15.49
C PHE B 179 7.24 12.57 -15.03
N GLY B 180 7.86 11.89 -15.99
CA GLY B 180 8.90 10.91 -15.70
C GLY B 180 10.01 11.55 -14.91
N GLN B 181 10.31 12.82 -15.21
CA GLN B 181 11.36 13.55 -14.49
C GLN B 181 10.96 13.79 -13.03
N ARG B 182 9.67 14.05 -12.80
CA ARG B 182 9.18 14.26 -11.44
C ARG B 182 9.19 12.94 -10.66
N VAL B 183 8.90 11.83 -11.36
CA VAL B 183 8.95 10.50 -10.73
C VAL B 183 10.37 10.33 -10.16
N VAL B 184 11.37 10.61 -11.00
CA VAL B 184 12.78 10.51 -10.63
C VAL B 184 13.08 11.46 -9.47
N LYS B 185 12.56 12.67 -9.58
CA LYS B 185 12.71 13.70 -8.56
C LYS B 185 12.07 13.20 -7.25
N GLU B 186 10.89 12.60 -7.35
CA GLU B 186 10.18 12.06 -6.18
C GLU B 186 10.96 10.87 -5.59
N LEU B 187 11.49 10.01 -6.45
CA LEU B 187 12.29 8.86 -6.00
C LEU B 187 13.55 9.32 -5.25
N ASN B 188 14.13 10.44 -5.67
CA ASN B 188 15.32 10.98 -5.01
C ASN B 188 14.97 11.49 -3.62
N ARG B 189 13.86 12.23 -3.50
CA ARG B 189 13.50 12.75 -2.19
C ARG B 189 13.08 11.67 -1.22
N LEU B 190 12.44 10.61 -1.72
CA LEU B 190 12.03 9.50 -0.86
C LEU B 190 13.21 8.64 -0.39
N GLY B 191 14.19 8.44 -1.26
CA GLY B 191 15.34 7.62 -0.89
C GLY B 191 15.22 6.23 -1.47
N VAL B 192 14.65 6.17 -2.67
CA VAL B 192 14.46 4.92 -3.38
C VAL B 192 15.49 4.78 -4.49
N LEU B 193 16.19 3.65 -4.51
CA LEU B 193 17.20 3.35 -5.53
C LEU B 193 16.52 3.33 -6.88
N ILE B 194 17.07 4.06 -7.84
CA ILE B 194 16.51 4.06 -9.19
C ILE B 194 17.19 2.91 -9.94
N ASP B 195 16.38 1.97 -10.43
CA ASP B 195 16.91 0.81 -11.14
C ASP B 195 16.74 0.97 -12.64
N LEU B 196 17.87 0.97 -13.35
CA LEU B 196 17.87 1.16 -14.80
C LEU B 196 17.81 -0.10 -15.65
N ALA B 197 17.61 -1.25 -15.02
CA ALA B 197 17.48 -2.50 -15.76
C ALA B 197 16.23 -2.37 -16.64
N HIS B 198 16.25 -3.01 -17.79
CA HIS B 198 15.12 -2.98 -18.71
C HIS B 198 14.80 -1.67 -19.43
N VAL B 199 15.49 -0.58 -19.10
CA VAL B 199 15.21 0.69 -19.77
C VAL B 199 16.07 0.94 -21.02
N SER B 200 15.65 1.89 -21.84
CA SER B 200 16.35 2.23 -23.07
C SER B 200 17.61 3.03 -22.78
N VAL B 201 18.54 3.04 -23.74
CA VAL B 201 19.80 3.78 -23.57
C VAL B 201 19.48 5.25 -23.27
N ALA B 202 18.51 5.80 -24.00
CA ALA B 202 18.10 7.19 -23.80
C ALA B 202 17.61 7.41 -22.37
N THR B 203 16.82 6.47 -21.85
CA THR B 203 16.31 6.56 -20.48
C THR B 203 17.47 6.41 -19.49
N MET B 204 18.44 5.55 -19.82
CA MET B 204 19.61 5.36 -18.96
C MET B 204 20.37 6.68 -18.79
N LYS B 205 20.65 7.34 -19.92
CA LYS B 205 21.37 8.61 -19.94
C LYS B 205 20.59 9.75 -19.29
N ALA B 206 19.30 9.84 -19.61
CA ALA B 206 18.41 10.87 -19.03
C ALA B 206 18.40 10.77 -17.51
N THR B 207 18.32 9.56 -16.99
CA THR B 207 18.29 9.31 -15.56
C THR B 207 19.65 9.54 -14.91
N LEU B 208 20.71 9.05 -15.55
CA LEU B 208 22.06 9.23 -15.00
C LEU B 208 22.39 10.73 -14.95
N GLN B 209 21.87 11.47 -15.92
CA GLN B 209 22.07 12.91 -16.01
C GLN B 209 21.23 13.66 -14.96
N LEU B 210 19.96 13.28 -14.86
CA LEU B 210 18.98 13.88 -13.95
C LEU B 210 19.08 13.54 -12.45
N SER B 211 19.17 12.25 -12.12
CA SER B 211 19.26 11.81 -10.74
C SER B 211 20.34 12.49 -9.89
N ARG B 212 19.96 12.94 -8.70
CA ARG B 212 20.89 13.58 -7.77
C ARG B 212 21.61 12.53 -6.93
N ALA B 213 21.26 11.26 -7.15
CA ALA B 213 21.88 10.17 -6.40
C ALA B 213 22.28 9.05 -7.34
N PRO B 214 23.25 8.20 -6.95
CA PRO B 214 23.67 7.10 -7.82
C PRO B 214 22.49 6.20 -8.10
N VAL B 215 22.53 5.53 -9.24
CA VAL B 215 21.47 4.62 -9.66
C VAL B 215 22.02 3.17 -9.68
N ILE B 216 21.21 2.22 -10.13
CA ILE B 216 21.65 0.84 -10.23
C ILE B 216 21.02 0.17 -11.43
N PHE B 217 21.68 -0.88 -11.90
CA PHE B 217 21.16 -1.71 -12.98
C PHE B 217 21.14 -3.01 -12.17
N SER B 218 20.02 -3.28 -11.50
CA SER B 218 19.89 -4.48 -10.63
C SER B 218 20.22 -5.84 -11.26
N HIS B 219 19.96 -5.99 -12.55
CA HIS B 219 20.27 -7.24 -13.24
C HIS B 219 20.51 -7.01 -14.74
N SER B 220 21.68 -6.45 -15.04
CA SER B 220 22.11 -6.15 -16.40
C SER B 220 23.57 -6.49 -16.52
N SER B 221 23.98 -6.94 -17.71
CA SER B 221 25.37 -7.31 -17.95
C SER B 221 26.03 -6.40 -18.98
N ALA B 222 27.26 -6.75 -19.40
CA ALA B 222 28.04 -5.97 -20.36
C ALA B 222 27.66 -6.15 -21.83
N TYR B 223 27.34 -5.03 -22.47
CA TYR B 223 26.94 -5.04 -23.88
C TYR B 223 28.10 -5.48 -24.78
N SER B 224 29.32 -5.11 -24.39
CA SER B 224 30.51 -5.44 -25.15
C SER B 224 30.76 -6.93 -25.27
N VAL B 225 30.47 -7.68 -24.22
CA VAL B 225 30.67 -9.13 -24.22
C VAL B 225 29.50 -9.90 -24.86
N CYS B 226 28.30 -9.31 -24.80
CA CYS B 226 27.11 -9.90 -25.39
C CYS B 226 26.22 -8.74 -25.74
N ALA B 227 26.11 -8.49 -27.04
CA ALA B 227 25.33 -7.38 -27.56
C ALA B 227 23.83 -7.51 -27.43
N SER B 228 23.37 -7.66 -26.19
CA SER B 228 21.94 -7.73 -25.91
C SER B 228 21.59 -6.35 -25.39
N ARG B 229 20.42 -5.84 -25.79
CA ARG B 229 19.98 -4.52 -25.34
C ARG B 229 19.46 -4.47 -23.90
N ARG B 230 19.64 -5.59 -23.19
CA ARG B 230 19.28 -5.69 -21.78
C ARG B 230 20.60 -5.47 -21.07
N ASN B 231 21.65 -5.30 -21.85
CA ASN B 231 22.99 -5.07 -21.33
C ASN B 231 23.39 -3.62 -21.50
N VAL B 232 24.32 -3.18 -20.67
CA VAL B 232 24.78 -1.80 -20.65
C VAL B 232 26.03 -1.53 -21.50
N PRO B 233 25.91 -0.62 -22.48
CA PRO B 233 27.03 -0.25 -23.37
C PRO B 233 28.13 0.51 -22.62
N ASP B 234 29.29 0.66 -23.23
CA ASP B 234 30.41 1.33 -22.57
C ASP B 234 30.26 2.82 -22.30
N ASP B 235 29.51 3.52 -23.13
CA ASP B 235 29.31 4.96 -22.92
C ASP B 235 28.54 5.17 -21.63
N VAL B 236 27.50 4.37 -21.42
CA VAL B 236 26.69 4.44 -20.21
C VAL B 236 27.57 3.99 -19.06
N LEU B 237 28.48 3.05 -19.34
CA LEU B 237 29.38 2.56 -18.30
C LEU B 237 30.31 3.66 -17.84
N ARG B 238 30.59 4.61 -18.72
CA ARG B 238 31.45 5.72 -18.34
C ARG B 238 30.63 6.65 -17.45
N LEU B 239 29.33 6.74 -17.75
CA LEU B 239 28.40 7.56 -16.95
C LEU B 239 28.25 6.90 -15.58
N VAL B 240 28.24 5.57 -15.54
CA VAL B 240 28.14 4.84 -14.29
C VAL B 240 29.39 5.12 -13.44
N LYS B 241 30.50 5.37 -14.12
CA LYS B 241 31.75 5.65 -13.43
C LYS B 241 31.72 7.05 -12.80
N GLN B 242 31.30 8.04 -13.57
CA GLN B 242 31.24 9.43 -13.11
C GLN B 242 30.26 9.68 -11.96
N THR B 243 29.09 9.05 -12.05
CA THR B 243 28.04 9.19 -11.04
C THR B 243 28.23 8.25 -9.86
N ASP B 244 29.18 7.33 -10.01
CA ASP B 244 29.52 6.33 -8.99
C ASP B 244 28.38 5.33 -8.80
N SER B 245 27.71 5.00 -9.89
CA SER B 245 26.60 4.06 -9.88
C SER B 245 27.06 2.61 -9.77
N LEU B 246 26.14 1.68 -10.03
CA LEU B 246 26.42 0.25 -9.90
C LEU B 246 25.62 -0.61 -10.87
N VAL B 247 26.31 -1.59 -11.44
CA VAL B 247 25.73 -2.56 -12.38
C VAL B 247 25.82 -3.93 -11.72
N MET B 248 24.66 -4.51 -11.46
CA MET B 248 24.59 -5.83 -10.85
C MET B 248 24.31 -6.80 -11.96
N VAL B 249 25.30 -7.64 -12.22
CA VAL B 249 25.29 -8.61 -13.31
C VAL B 249 24.21 -9.69 -13.33
N ASN B 250 23.59 -9.83 -14.49
CA ASN B 250 22.55 -10.80 -14.77
C ASN B 250 23.24 -12.11 -15.20
N PHE B 251 22.77 -13.23 -14.66
CA PHE B 251 23.36 -14.54 -14.98
C PHE B 251 22.73 -15.26 -16.16
N TYR B 252 21.61 -14.76 -16.66
CA TYR B 252 20.91 -15.35 -17.81
C TYR B 252 21.89 -15.68 -18.93
N ASN B 253 21.75 -16.87 -19.50
CA ASN B 253 22.62 -17.32 -20.58
C ASN B 253 22.62 -16.41 -21.80
N ASN B 254 21.44 -16.14 -22.33
CA ASN B 254 21.29 -15.30 -23.50
C ASN B 254 21.74 -13.85 -23.33
N TYR B 255 22.20 -13.50 -22.11
CA TYR B 255 22.69 -12.15 -21.83
C TYR B 255 24.18 -12.24 -21.55
N ILE B 256 24.62 -13.44 -21.17
CA ILE B 256 26.01 -13.71 -20.85
C ILE B 256 26.82 -14.20 -22.07
N SER B 257 26.30 -15.22 -22.75
CA SER B 257 26.96 -15.78 -23.91
C SER B 257 26.27 -15.36 -25.20
N CYS B 258 25.11 -14.76 -25.06
CA CYS B 258 24.28 -14.31 -26.17
C CYS B 258 23.71 -15.50 -26.95
N THR B 259 23.44 -16.57 -26.21
CA THR B 259 22.89 -17.81 -26.73
C THR B 259 22.31 -18.62 -25.57
N ASN B 260 21.65 -19.74 -25.87
CA ASN B 260 21.03 -20.58 -24.85
C ASN B 260 22.02 -21.28 -23.92
N LYS B 261 23.26 -21.46 -24.37
CA LYS B 261 24.26 -22.13 -23.55
C LYS B 261 25.27 -21.16 -22.98
N ALA B 262 25.59 -21.30 -21.69
CA ALA B 262 26.57 -20.44 -21.03
C ALA B 262 27.15 -21.15 -19.83
N ASN B 263 28.30 -20.67 -19.38
CA ASN B 263 28.97 -21.24 -18.23
C ASN B 263 29.51 -20.15 -17.32
N LEU B 264 29.95 -20.56 -16.14
CA LEU B 264 30.46 -19.66 -15.12
C LEU B 264 31.58 -18.71 -15.54
N SER B 265 32.46 -19.16 -16.44
CA SER B 265 33.60 -18.36 -16.90
C SER B 265 33.21 -17.16 -17.77
N GLN B 266 32.09 -17.27 -18.47
CA GLN B 266 31.59 -16.19 -19.31
C GLN B 266 30.96 -15.09 -18.47
N VAL B 267 30.52 -15.44 -17.26
CA VAL B 267 29.91 -14.47 -16.34
C VAL B 267 31.08 -13.67 -15.80
N ALA B 268 32.16 -14.37 -15.47
CA ALA B 268 33.36 -13.73 -14.98
C ALA B 268 33.91 -12.77 -16.04
N ASP B 269 33.66 -13.06 -17.32
CA ASP B 269 34.11 -12.19 -18.41
C ASP B 269 33.41 -10.84 -18.32
N HIS B 270 32.08 -10.85 -18.15
CA HIS B 270 31.29 -9.61 -18.03
C HIS B 270 31.71 -8.79 -16.82
N LEU B 271 32.04 -9.48 -15.72
CA LEU B 271 32.46 -8.81 -14.50
C LEU B 271 33.81 -8.15 -14.70
N ASP B 272 34.67 -8.79 -15.48
CA ASP B 272 36.01 -8.27 -15.77
C ASP B 272 35.91 -7.01 -16.61
N HIS B 273 35.03 -7.04 -17.61
CA HIS B 273 34.84 -5.90 -18.50
C HIS B 273 34.32 -4.72 -17.73
N ILE B 274 33.24 -4.93 -16.98
CA ILE B 274 32.61 -3.89 -16.18
C ILE B 274 33.59 -3.33 -15.17
N LYS B 275 34.45 -4.16 -14.62
CA LYS B 275 35.44 -3.69 -13.66
C LYS B 275 36.48 -2.81 -14.38
N GLU B 276 36.68 -3.07 -15.67
CA GLU B 276 37.63 -2.32 -16.47
C GLU B 276 37.09 -0.97 -16.86
N VAL B 277 35.91 -0.97 -17.48
CA VAL B 277 35.26 0.24 -17.96
C VAL B 277 34.63 1.11 -16.86
N ALA B 278 33.66 0.56 -16.14
CA ALA B 278 32.98 1.30 -15.08
C ALA B 278 33.75 1.45 -13.79
N GLY B 279 34.69 0.54 -13.54
CA GLY B 279 35.47 0.60 -12.31
C GLY B 279 35.07 -0.51 -11.36
N ALA B 280 35.96 -0.85 -10.43
CA ALA B 280 35.71 -1.92 -9.47
C ALA B 280 34.57 -1.65 -8.46
N ARG B 281 34.13 -0.40 -8.37
CA ARG B 281 33.06 -0.04 -7.45
C ARG B 281 31.71 0.11 -8.14
N ALA B 282 31.71 -0.17 -9.44
CA ALA B 282 30.51 -0.09 -10.24
C ALA B 282 30.01 -1.49 -10.57
N VAL B 283 30.52 -2.49 -9.84
CA VAL B 283 30.15 -3.86 -10.13
C VAL B 283 29.55 -4.66 -8.96
N GLY B 284 28.51 -5.44 -9.26
CA GLY B 284 27.86 -6.26 -8.27
C GLY B 284 27.09 -7.43 -8.88
N PHE B 285 26.24 -8.08 -8.09
CA PHE B 285 25.44 -9.22 -8.57
C PHE B 285 23.93 -9.03 -8.54
N GLY B 286 23.29 -9.52 -9.58
CA GLY B 286 21.85 -9.46 -9.73
C GLY B 286 21.54 -10.60 -10.67
N GLY B 287 21.82 -11.81 -10.18
CA GLY B 287 21.68 -13.03 -10.95
C GLY B 287 20.46 -13.29 -11.79
N ASP B 288 19.31 -12.83 -11.31
CA ASP B 288 18.05 -13.02 -12.01
C ASP B 288 17.59 -14.48 -11.90
N PHE B 289 17.95 -15.10 -10.77
CA PHE B 289 17.56 -16.48 -10.47
C PHE B 289 16.03 -16.54 -10.30
N ASP B 290 15.43 -17.63 -10.79
CA ASP B 290 13.98 -17.85 -10.75
C ASP B 290 13.20 -16.90 -11.63
N GLY B 291 13.92 -16.04 -12.35
CA GLY B 291 13.30 -15.10 -13.24
C GLY B 291 13.48 -15.51 -14.69
N VAL B 292 14.63 -16.13 -14.97
CA VAL B 292 14.96 -16.61 -16.33
C VAL B 292 14.99 -18.13 -16.42
N PRO B 293 14.74 -18.68 -17.62
CA PRO B 293 14.75 -20.14 -17.84
C PRO B 293 16.12 -20.79 -17.95
N ARG B 294 17.16 -19.98 -18.20
CA ARG B 294 18.50 -20.51 -18.36
C ARG B 294 19.55 -19.81 -17.53
N VAL B 295 20.31 -20.60 -16.79
CA VAL B 295 21.41 -20.13 -15.95
C VAL B 295 22.66 -20.93 -16.35
N PRO B 296 23.86 -20.31 -16.24
CA PRO B 296 25.16 -20.91 -16.57
C PRO B 296 25.56 -22.22 -15.88
N GLU B 297 26.33 -23.03 -16.60
CA GLU B 297 26.86 -24.28 -16.07
C GLU B 297 27.83 -23.82 -14.99
N GLY B 298 27.67 -24.32 -13.78
CA GLY B 298 28.50 -23.89 -12.67
C GLY B 298 27.74 -22.90 -11.79
N LEU B 299 26.59 -22.43 -12.28
CA LEU B 299 25.73 -21.49 -11.55
C LEU B 299 24.29 -21.93 -11.77
N GLU B 300 23.98 -23.15 -11.36
CA GLU B 300 22.66 -23.72 -11.54
C GLU B 300 21.58 -23.17 -10.60
N ASP B 301 22.02 -22.71 -9.43
CA ASP B 301 21.13 -22.15 -8.44
C ASP B 301 21.89 -21.21 -7.53
N VAL B 302 21.19 -20.64 -6.55
CA VAL B 302 21.75 -19.67 -5.61
C VAL B 302 22.84 -20.18 -4.69
N SER B 303 23.15 -21.47 -4.74
CA SER B 303 24.19 -21.99 -3.87
C SER B 303 25.56 -21.89 -4.53
N LYS B 304 25.56 -21.62 -5.83
CA LYS B 304 26.79 -21.54 -6.59
C LYS B 304 27.63 -20.28 -6.48
N TYR B 305 27.15 -19.27 -5.76
CA TYR B 305 27.91 -18.01 -5.66
C TYR B 305 29.37 -18.15 -5.24
N PRO B 306 29.70 -19.09 -4.33
CA PRO B 306 31.12 -19.19 -3.94
C PRO B 306 32.03 -19.60 -5.11
N ASP B 307 31.46 -20.28 -6.09
CA ASP B 307 32.21 -20.74 -7.27
C ASP B 307 32.62 -19.59 -8.19
N LEU B 308 31.75 -18.59 -8.32
CA LEU B 308 32.01 -17.42 -9.16
C LEU B 308 33.05 -16.54 -8.48
N ILE B 309 32.98 -16.44 -7.16
CA ILE B 309 33.93 -15.65 -6.40
C ILE B 309 35.32 -16.29 -6.51
N ALA B 310 35.36 -17.63 -6.50
CA ALA B 310 36.60 -18.39 -6.61
C ALA B 310 37.27 -18.11 -7.95
N GLU B 311 36.45 -18.05 -9.00
CA GLU B 311 36.93 -17.77 -10.35
C GLU B 311 37.51 -16.37 -10.46
N LEU B 312 36.92 -15.43 -9.73
CA LEU B 312 37.38 -14.04 -9.73
C LEU B 312 38.72 -13.93 -9.02
N LEU B 313 38.90 -14.70 -7.96
CA LEU B 313 40.15 -14.71 -7.22
C LEU B 313 41.20 -15.38 -8.11
N ARG B 314 40.74 -16.32 -8.92
CA ARG B 314 41.57 -17.06 -9.88
C ARG B 314 42.10 -16.03 -10.88
N ARG B 315 41.20 -15.15 -11.35
CA ARG B 315 41.54 -14.10 -12.31
C ARG B 315 42.25 -12.90 -11.68
N ASN B 316 42.77 -13.12 -10.48
CA ASN B 316 43.53 -12.12 -9.76
C ASN B 316 42.81 -10.88 -9.20
N TRP B 317 41.51 -10.99 -8.91
CA TRP B 317 40.80 -9.86 -8.32
C TRP B 317 41.27 -9.79 -6.88
N THR B 318 41.38 -8.58 -6.36
CA THR B 318 41.82 -8.43 -4.97
C THR B 318 40.65 -8.73 -4.04
N GLU B 319 40.95 -8.98 -2.78
CA GLU B 319 39.93 -9.28 -1.79
C GLU B 319 38.94 -8.12 -1.65
N ALA B 320 39.47 -6.90 -1.68
CA ALA B 320 38.65 -5.70 -1.58
C ALA B 320 37.75 -5.57 -2.79
N GLU B 321 38.27 -5.91 -3.96
CA GLU B 321 37.50 -5.84 -5.19
C GLU B 321 36.32 -6.80 -5.16
N VAL B 322 36.53 -7.99 -4.61
CA VAL B 322 35.45 -8.96 -4.52
C VAL B 322 34.51 -8.62 -3.36
N LYS B 323 35.06 -8.09 -2.27
CA LYS B 323 34.24 -7.70 -1.12
C LYS B 323 33.26 -6.62 -1.59
N GLY B 324 33.76 -5.73 -2.46
CA GLY B 324 32.94 -4.67 -3.00
C GLY B 324 31.85 -5.19 -3.90
N ALA B 325 32.17 -6.20 -4.72
CA ALA B 325 31.18 -6.78 -5.63
C ALA B 325 30.15 -7.60 -4.85
N LEU B 326 30.60 -8.18 -3.75
CA LEU B 326 29.75 -9.00 -2.88
C LEU B 326 28.67 -8.16 -2.19
N ALA B 327 29.12 -7.21 -1.37
CA ALA B 327 28.20 -6.37 -0.62
C ALA B 327 28.55 -4.89 -0.55
N ASP B 328 29.84 -4.57 -0.40
CA ASP B 328 30.30 -3.19 -0.25
C ASP B 328 29.86 -2.11 -1.23
N ASN B 329 29.77 -2.43 -2.52
CA ASN B 329 29.35 -1.43 -3.50
C ASN B 329 27.86 -1.11 -3.46
N LEU B 330 27.02 -2.11 -3.23
CA LEU B 330 25.58 -1.90 -3.13
C LEU B 330 25.32 -1.03 -1.89
N LEU B 331 26.00 -1.37 -0.80
CA LEU B 331 25.85 -0.63 0.45
C LEU B 331 26.25 0.83 0.29
N ARG B 332 27.33 1.08 -0.44
CA ARG B 332 27.81 2.44 -0.67
C ARG B 332 26.77 3.23 -1.42
N VAL B 333 26.23 2.63 -2.47
CA VAL B 333 25.21 3.26 -3.31
C VAL B 333 23.91 3.50 -2.53
N PHE B 334 23.52 2.54 -1.71
CA PHE B 334 22.30 2.64 -0.91
C PHE B 334 22.36 3.81 0.08
N GLU B 335 23.46 3.89 0.83
CA GLU B 335 23.64 4.98 1.78
C GLU B 335 23.70 6.33 1.10
N ALA B 336 24.25 6.38 -0.12
CA ALA B 336 24.33 7.62 -0.88
C ALA B 336 22.93 8.05 -1.31
N VAL B 337 22.04 7.07 -1.46
CA VAL B 337 20.66 7.32 -1.85
C VAL B 337 19.85 7.81 -0.64
N GLU B 338 20.21 7.32 0.55
CA GLU B 338 19.55 7.71 1.79
C GLU B 338 19.94 9.12 2.22
N GLN B 339 21.19 9.48 1.99
CA GLN B 339 21.69 10.79 2.37
C GLN B 339 21.17 11.89 1.44
N ALA B 340 20.75 11.50 0.25
CA ALA B 340 20.25 12.46 -0.74
C ALA B 340 18.74 12.67 -0.68
N SER B 341 18.06 11.85 0.10
CA SER B 341 16.61 11.96 0.23
C SER B 341 16.28 13.14 1.12
N ASN B 342 15.14 13.77 0.84
CA ASN B 342 14.67 14.93 1.58
C ASN B 342 13.22 14.64 2.00
N LEU B 343 13.06 13.92 3.11
CA LEU B 343 11.72 13.57 3.60
C LEU B 343 10.96 14.80 4.08
N THR B 344 11.71 15.82 4.46
CA THR B 344 11.17 17.08 4.94
C THR B 344 10.60 17.88 3.75
N GLN B 345 11.23 17.73 2.58
CA GLN B 345 10.78 18.42 1.37
C GLN B 345 9.37 17.97 0.98
N ALA B 346 8.62 18.90 0.40
CA ALA B 346 7.26 18.65 -0.03
C ALA B 346 7.17 17.61 -1.13
N PRO B 347 6.30 16.60 -0.96
CA PRO B 347 6.09 15.52 -1.92
C PRO B 347 5.62 16.07 -3.26
N GLU B 348 5.99 15.40 -4.34
CA GLU B 348 5.56 15.84 -5.66
C GLU B 348 4.07 15.51 -5.75
N GLU B 349 3.29 16.43 -6.30
CA GLU B 349 1.85 16.22 -6.41
C GLU B 349 1.24 16.63 -7.74
N GLU B 350 2.06 17.09 -8.68
CA GLU B 350 1.54 17.47 -9.99
C GLU B 350 1.30 16.17 -10.77
N PRO B 351 0.03 15.77 -10.92
CA PRO B 351 -0.28 14.54 -11.63
C PRO B 351 0.11 14.53 -13.10
N ILE B 352 0.13 13.33 -13.67
CA ILE B 352 0.46 13.12 -15.06
C ILE B 352 -0.73 13.64 -15.85
N PRO B 353 -0.48 14.27 -17.00
CA PRO B 353 -1.58 14.78 -17.83
C PRO B 353 -2.56 13.66 -18.14
N LEU B 354 -3.85 13.98 -18.08
CA LEU B 354 -4.90 13.00 -18.34
C LEU B 354 -4.75 12.32 -19.70
N ASP B 355 -4.34 13.11 -20.69
CA ASP B 355 -4.15 12.59 -22.04
C ASP B 355 -3.03 11.54 -22.11
N GLN B 356 -2.16 11.53 -21.11
CA GLN B 356 -1.06 10.59 -21.06
C GLN B 356 -1.42 9.26 -20.39
N LEU B 357 -2.59 9.22 -19.76
CA LEU B 357 -3.10 8.01 -19.10
C LEU B 357 -3.84 7.14 -20.12
N GLY B 358 -3.30 5.95 -20.38
CA GLY B 358 -3.90 5.04 -21.33
C GLY B 358 -4.73 3.90 -20.74
N GLY B 359 -5.27 3.06 -21.62
CA GLY B 359 -6.09 1.96 -21.17
C GLY B 359 -7.52 2.38 -20.86
N SER B 360 -8.42 1.42 -20.82
CA SER B 360 -9.83 1.71 -20.54
C SER B 360 -10.25 1.14 -19.19
N CYS B 361 -9.31 1.09 -18.26
CA CYS B 361 -9.57 0.55 -16.94
C CYS B 361 -9.38 1.55 -15.84
N ARG B 362 -9.91 2.75 -16.04
CA ARG B 362 -9.79 3.79 -15.04
C ARG B 362 -10.89 4.82 -15.14
N THR B 363 -10.97 5.64 -14.10
CA THR B 363 -11.96 6.71 -14.02
C THR B 363 -11.17 8.03 -13.94
N HIS B 364 -11.80 9.14 -14.30
CA HIS B 364 -11.09 10.40 -14.32
C HIS B 364 -11.36 11.43 -13.23
N TYR B 365 -11.72 10.97 -12.04
CA TYR B 365 -11.96 11.89 -10.94
C TYR B 365 -10.67 12.62 -10.64
N GLY B 366 -10.77 13.86 -10.18
CA GLY B 366 -9.58 14.64 -9.90
C GLY B 366 -9.26 15.53 -11.08
N TYR B 367 -9.60 15.06 -12.28
CA TYR B 367 -9.38 15.81 -13.52
C TYR B 367 -10.75 16.29 -13.99
N SER B 368 -11.69 15.36 -13.99
CA SER B 368 -13.08 15.54 -14.42
C SER B 368 -13.23 15.44 -15.94
N SER B 369 -12.12 15.20 -16.63
CA SER B 369 -12.12 15.09 -18.10
C SER B 369 -12.20 13.65 -18.65
#